data_1SJK
# 
_entry.id   1SJK 
# 
_audit_conform.dict_name       mmcif_pdbx.dic 
_audit_conform.dict_version    5.392 
_audit_conform.dict_location   http://mmcif.pdb.org/dictionaries/ascii/mmcif_pdbx.dic 
# 
loop_
_database_2.database_id 
_database_2.database_code 
_database_2.pdbx_database_accession 
_database_2.pdbx_DOI 
PDB   1SJK         pdb_00001sjk 10.2210/pdb1sjk/pdb 
WWPDB D_1000176390 ?            ?                   
# 
loop_
_pdbx_audit_revision_history.ordinal 
_pdbx_audit_revision_history.data_content_type 
_pdbx_audit_revision_history.major_revision 
_pdbx_audit_revision_history.minor_revision 
_pdbx_audit_revision_history.revision_date 
1 'Structure model' 1 0 1997-12-03 
2 'Structure model' 1 1 2008-03-24 
3 'Structure model' 1 2 2011-07-13 
4 'Structure model' 1 3 2022-03-02 
5 'Structure model' 1 4 2024-05-22 
# 
_pdbx_audit_revision_details.ordinal             1 
_pdbx_audit_revision_details.revision_ordinal    1 
_pdbx_audit_revision_details.data_content_type   'Structure model' 
_pdbx_audit_revision_details.provider            repository 
_pdbx_audit_revision_details.type                'Initial release' 
_pdbx_audit_revision_details.description         ? 
_pdbx_audit_revision_details.details             ? 
# 
loop_
_pdbx_audit_revision_group.ordinal 
_pdbx_audit_revision_group.revision_ordinal 
_pdbx_audit_revision_group.data_content_type 
_pdbx_audit_revision_group.group 
1 2 'Structure model' 'Version format compliance' 
2 3 'Structure model' 'Version format compliance' 
3 4 'Structure model' 'Database references'       
4 4 'Structure model' 'Derived calculations'      
5 4 'Structure model' Other                       
6 5 'Structure model' 'Data collection'           
# 
loop_
_pdbx_audit_revision_category.ordinal 
_pdbx_audit_revision_category.revision_ordinal 
_pdbx_audit_revision_category.data_content_type 
_pdbx_audit_revision_category.category 
1 4 'Structure model' database_2            
2 4 'Structure model' pdbx_database_status  
3 4 'Structure model' pdbx_struct_assembly  
4 4 'Structure model' pdbx_struct_oper_list 
5 4 'Structure model' struct_conn           
6 5 'Structure model' chem_comp_atom        
7 5 'Structure model' chem_comp_bond        
# 
loop_
_pdbx_audit_revision_item.ordinal 
_pdbx_audit_revision_item.revision_ordinal 
_pdbx_audit_revision_item.data_content_type 
_pdbx_audit_revision_item.item 
1  4 'Structure model' '_database_2.pdbx_DOI'                
2  4 'Structure model' '_database_2.pdbx_database_accession' 
3  4 'Structure model' '_pdbx_database_status.process_site'  
4  4 'Structure model' '_struct_conn.pdbx_dist_value'        
5  4 'Structure model' '_struct_conn.pdbx_leaving_atom_flag' 
6  4 'Structure model' '_struct_conn.ptnr1_auth_comp_id'     
7  4 'Structure model' '_struct_conn.ptnr1_auth_seq_id'      
8  4 'Structure model' '_struct_conn.ptnr1_label_atom_id'    
9  4 'Structure model' '_struct_conn.ptnr1_label_comp_id'    
10 4 'Structure model' '_struct_conn.ptnr1_label_seq_id'     
11 4 'Structure model' '_struct_conn.ptnr2_auth_comp_id'     
12 4 'Structure model' '_struct_conn.ptnr2_auth_seq_id'      
13 4 'Structure model' '_struct_conn.ptnr2_label_atom_id'    
14 4 'Structure model' '_struct_conn.ptnr2_label_comp_id'    
15 4 'Structure model' '_struct_conn.ptnr2_label_seq_id'     
# 
_pdbx_database_status.status_code                     REL 
_pdbx_database_status.entry_id                        1SJK 
_pdbx_database_status.recvd_initial_deposition_date   1997-07-22 
_pdbx_database_status.deposit_site                    ? 
_pdbx_database_status.process_site                    BNL 
_pdbx_database_status.status_code_sf                  ? 
_pdbx_database_status.status_code_mr                  REL 
_pdbx_database_status.SG_entry                        ? 
_pdbx_database_status.pdb_format_compatible           Y 
_pdbx_database_status.status_code_cs                  ? 
_pdbx_database_status.status_code_nmr_data            ? 
_pdbx_database_status.methods_development_category    ? 
# 
_pdbx_database_related.db_name        PDB 
_pdbx_database_related.db_id          1SJL 
_pdbx_database_related.details        'MINIMIZED AVERAGE STRUCTURE' 
_pdbx_database_related.content_type   unspecified 
# 
loop_
_audit_author.name 
_audit_author.pdbx_ordinal 
'Wang, K.Y.'   1 
'Parker, S.A.' 2 
'Goljer, I.'   3 
'Bolton, P.H.' 4 
# 
_citation.id                        primary 
_citation.title                     'Solution structure of a duplex DNA with an abasic site in a dA tract.' 
_citation.journal_abbrev            Biochemistry 
_citation.journal_volume            36 
_citation.page_first                11629 
_citation.page_last                 11639 
_citation.year                      1997 
_citation.journal_id_ASTM           BICHAW 
_citation.country                   US 
_citation.journal_id_ISSN           0006-2960 
_citation.journal_id_CSD            0033 
_citation.book_publisher            ? 
_citation.pdbx_database_id_PubMed   9305952 
_citation.pdbx_database_id_DOI      10.1021/bi971464l 
# 
loop_
_citation_author.citation_id 
_citation_author.name 
_citation_author.ordinal 
_citation_author.identifier_ORCID 
primary 'Wang, K.Y.'   1 ? 
primary 'Parker, S.A.' 2 ? 
primary 'Goljer, I.'   3 ? 
primary 'Bolton, P.H.' 4 ? 
# 
loop_
_entity.id 
_entity.type 
_entity.src_method 
_entity.pdbx_description 
_entity.formula_weight 
_entity.pdbx_number_of_molecules 
_entity.pdbx_ec 
_entity.pdbx_mutation 
_entity.pdbx_fragment 
_entity.details 
1 polymer syn 
;DNA (5'-D(*CP*GP*CP*AP*AP*AP*AP*AP*TP*GP*CP*G)-3')
;
3680.432 1 ? ? ? ? 
2 polymer syn 
;DNA (5'-D(*CP*GP*CP*AP*TP*TP*ORPP*TP*TP*GP*CP*G)-3')
;
3536.278 1 ? ? ? ? 
# 
loop_
_entity_poly.entity_id 
_entity_poly.type 
_entity_poly.nstd_linkage 
_entity_poly.nstd_monomer 
_entity_poly.pdbx_seq_one_letter_code 
_entity_poly.pdbx_seq_one_letter_code_can 
_entity_poly.pdbx_strand_id 
_entity_poly.pdbx_target_identifier 
1 polydeoxyribonucleotide no no  '(DC)(DG)(DC)(DA)(DA)(DA)(DA)(DA)(DT)(DG)(DC)(DG)'  CGCAAAAATGCG A ? 
2 polydeoxyribonucleotide no yes '(DC)(DG)(DC)(DA)(DT)(DT)(ORP)(DT)(DT)(DG)(DC)(DG)' CGCATTXTTGCG B ? 
# 
loop_
_entity_poly_seq.entity_id 
_entity_poly_seq.num 
_entity_poly_seq.mon_id 
_entity_poly_seq.hetero 
1 1  DC  n 
1 2  DG  n 
1 3  DC  n 
1 4  DA  n 
1 5  DA  n 
1 6  DA  n 
1 7  DA  n 
1 8  DA  n 
1 9  DT  n 
1 10 DG  n 
1 11 DC  n 
1 12 DG  n 
2 1  DC  n 
2 2  DG  n 
2 3  DC  n 
2 4  DA  n 
2 5  DT  n 
2 6  DT  n 
2 7  ORP n 
2 8  DT  n 
2 9  DT  n 
2 10 DG  n 
2 11 DC  n 
2 12 DG  n 
# 
loop_
_chem_comp.id 
_chem_comp.type 
_chem_comp.mon_nstd_flag 
_chem_comp.name 
_chem_comp.pdbx_synonyms 
_chem_comp.formula 
_chem_comp.formula_weight 
DA  'DNA linking' y "2'-DEOXYADENOSINE-5'-MONOPHOSPHATE" ? 'C10 H14 N5 O6 P' 331.222 
DC  'DNA linking' y "2'-DEOXYCYTIDINE-5'-MONOPHOSPHATE"  ? 'C9 H14 N3 O7 P'  307.197 
DG  'DNA linking' y "2'-DEOXYGUANOSINE-5'-MONOPHOSPHATE" ? 'C10 H14 N5 O7 P' 347.221 
DT  'DNA linking' y "THYMIDINE-5'-MONOPHOSPHATE"         ? 'C10 H15 N2 O8 P' 322.208 
ORP saccharide    . 2-DEOXY-5-PHOSPHONO-RIBOSE           ? 'C5 H11 O7 P'     214.110 
# 
loop_
_pdbx_poly_seq_scheme.asym_id 
_pdbx_poly_seq_scheme.entity_id 
_pdbx_poly_seq_scheme.seq_id 
_pdbx_poly_seq_scheme.mon_id 
_pdbx_poly_seq_scheme.ndb_seq_num 
_pdbx_poly_seq_scheme.pdb_seq_num 
_pdbx_poly_seq_scheme.auth_seq_num 
_pdbx_poly_seq_scheme.pdb_mon_id 
_pdbx_poly_seq_scheme.auth_mon_id 
_pdbx_poly_seq_scheme.pdb_strand_id 
_pdbx_poly_seq_scheme.pdb_ins_code 
_pdbx_poly_seq_scheme.hetero 
A 1 1  DC  1  1  1  DC  C   A . n 
A 1 2  DG  2  2  2  DG  G   A . n 
A 1 3  DC  3  3  3  DC  C   A . n 
A 1 4  DA  4  4  4  DA  A   A . n 
A 1 5  DA  5  5  5  DA  A   A . n 
A 1 6  DA  6  6  6  DA  A   A . n 
A 1 7  DA  7  7  7  DA  A   A . n 
A 1 8  DA  8  8  8  DA  A   A . n 
A 1 9  DT  9  9  9  DT  T   A . n 
A 1 10 DG  10 10 10 DG  G   A . n 
A 1 11 DC  11 11 11 DC  C   A . n 
A 1 12 DG  12 12 12 DG  G   A . n 
B 2 1  DC  1  13 13 DC  C   B . n 
B 2 2  DG  2  14 14 DG  G   B . n 
B 2 3  DC  3  15 15 DC  C   B . n 
B 2 4  DA  4  16 16 DA  A   B . n 
B 2 5  DT  5  17 17 DT  T   B . n 
B 2 6  DT  6  18 18 DT  T   B . n 
B 2 7  ORP 7  19 19 ORP ORP B . n 
B 2 8  DT  8  20 20 DT  T   B . n 
B 2 9  DT  9  21 21 DT  T   B . n 
B 2 10 DG  10 22 22 DG  G   B . n 
B 2 11 DC  11 23 23 DC  C   B . n 
B 2 12 DG  12 24 24 DG  G   B . n 
# 
loop_
_software.name 
_software.classification 
_software.version 
_software.citation_id 
_software.pdbx_ordinal 
X-PLOR 'model building' 3.1 ? 1 
X-PLOR refinement       3.1 ? 2 
X-PLOR phasing          3.1 ? 3 
# 
_cell.entry_id           1SJK 
_cell.length_a           1.000 
_cell.length_b           1.000 
_cell.length_c           1.000 
_cell.angle_alpha        90.00 
_cell.angle_beta         90.00 
_cell.angle_gamma        90.00 
_cell.Z_PDB              1 
_cell.pdbx_unique_axis   ? 
# 
_symmetry.entry_id                         1SJK 
_symmetry.space_group_name_H-M             'P 1' 
_symmetry.pdbx_full_space_group_name_H-M   ? 
_symmetry.cell_setting                     ? 
_symmetry.Int_Tables_number                1 
# 
_exptl.entry_id          1SJK 
_exptl.method            'SOLUTION NMR' 
_exptl.crystals_number   ? 
# 
_struct.entry_id                  1SJK 
_struct.title                     'A DUPLEX DNA WITH AN ABASIC SITE IN A DA TRACT, ALPHA FORM, NMR, MINIMIZED AVERAGE STRUCTURE' 
_struct.pdbx_model_details        ? 
_struct.pdbx_CASP_flag            ? 
_struct.pdbx_model_type_details   ? 
# 
_struct_keywords.entry_id        1SJK 
_struct_keywords.pdbx_keywords   DNA 
_struct_keywords.text            
'DUPLEX DNA WITH AN ABASIC SITE IN A DA TRACT, DAMAGED DNA, AT TRACT DNA, DEOXYRIBONUCLEIC ACID, DNA' 
# 
loop_
_struct_asym.id 
_struct_asym.pdbx_blank_PDB_chainid_flag 
_struct_asym.pdbx_modified 
_struct_asym.entity_id 
_struct_asym.details 
A N N 1 ? 
B N N 2 ? 
# 
loop_
_struct_ref.id 
_struct_ref.entity_id 
_struct_ref.db_name 
_struct_ref.db_code 
_struct_ref.pdbx_db_accession 
_struct_ref.pdbx_db_isoform 
_struct_ref.pdbx_seq_one_letter_code 
_struct_ref.pdbx_align_begin 
1 1 PDB 1SJK 1SJK ? ? ? 
2 2 PDB 1SJK 1SJK ? ? ? 
# 
loop_
_struct_ref_seq.align_id 
_struct_ref_seq.ref_id 
_struct_ref_seq.pdbx_PDB_id_code 
_struct_ref_seq.pdbx_strand_id 
_struct_ref_seq.seq_align_beg 
_struct_ref_seq.pdbx_seq_align_beg_ins_code 
_struct_ref_seq.seq_align_end 
_struct_ref_seq.pdbx_seq_align_end_ins_code 
_struct_ref_seq.pdbx_db_accession 
_struct_ref_seq.db_align_beg 
_struct_ref_seq.pdbx_db_align_beg_ins_code 
_struct_ref_seq.db_align_end 
_struct_ref_seq.pdbx_db_align_end_ins_code 
_struct_ref_seq.pdbx_auth_seq_align_beg 
_struct_ref_seq.pdbx_auth_seq_align_end 
1 1 1SJK A 1 ? 12 ? 1SJK 1  ? 12 ? 1  12 
2 2 1SJK B 1 ? 12 ? 1SJK 13 ? 24 ? 13 24 
# 
_pdbx_struct_assembly.id                   1 
_pdbx_struct_assembly.details              author_defined_assembly 
_pdbx_struct_assembly.method_details       ? 
_pdbx_struct_assembly.oligomeric_details   dimeric 
_pdbx_struct_assembly.oligomeric_count     2 
# 
_pdbx_struct_assembly_gen.assembly_id       1 
_pdbx_struct_assembly_gen.oper_expression   1 
_pdbx_struct_assembly_gen.asym_id_list      A,B 
# 
_pdbx_struct_oper_list.id                   1 
_pdbx_struct_oper_list.type                 'identity operation' 
_pdbx_struct_oper_list.name                 1_555 
_pdbx_struct_oper_list.symmetry_operation   x,y,z 
_pdbx_struct_oper_list.matrix[1][1]         1.0000000000 
_pdbx_struct_oper_list.matrix[1][2]         0.0000000000 
_pdbx_struct_oper_list.matrix[1][3]         0.0000000000 
_pdbx_struct_oper_list.vector[1]            0.0000000000 
_pdbx_struct_oper_list.matrix[2][1]         0.0000000000 
_pdbx_struct_oper_list.matrix[2][2]         1.0000000000 
_pdbx_struct_oper_list.matrix[2][3]         0.0000000000 
_pdbx_struct_oper_list.vector[2]            0.0000000000 
_pdbx_struct_oper_list.matrix[3][1]         0.0000000000 
_pdbx_struct_oper_list.matrix[3][2]         0.0000000000 
_pdbx_struct_oper_list.matrix[3][3]         1.0000000000 
_pdbx_struct_oper_list.vector[3]            0.0000000000 
# 
_struct_biol.id   1 
# 
loop_
_struct_conn.id 
_struct_conn.conn_type_id 
_struct_conn.pdbx_leaving_atom_flag 
_struct_conn.pdbx_PDB_id 
_struct_conn.ptnr1_label_asym_id 
_struct_conn.ptnr1_label_comp_id 
_struct_conn.ptnr1_label_seq_id 
_struct_conn.ptnr1_label_atom_id 
_struct_conn.pdbx_ptnr1_label_alt_id 
_struct_conn.pdbx_ptnr1_PDB_ins_code 
_struct_conn.pdbx_ptnr1_standard_comp_id 
_struct_conn.ptnr1_symmetry 
_struct_conn.ptnr2_label_asym_id 
_struct_conn.ptnr2_label_comp_id 
_struct_conn.ptnr2_label_seq_id 
_struct_conn.ptnr2_label_atom_id 
_struct_conn.pdbx_ptnr2_label_alt_id 
_struct_conn.pdbx_ptnr2_PDB_ins_code 
_struct_conn.ptnr1_auth_asym_id 
_struct_conn.ptnr1_auth_comp_id 
_struct_conn.ptnr1_auth_seq_id 
_struct_conn.ptnr2_auth_asym_id 
_struct_conn.ptnr2_auth_comp_id 
_struct_conn.ptnr2_auth_seq_id 
_struct_conn.ptnr2_symmetry 
_struct_conn.pdbx_ptnr3_label_atom_id 
_struct_conn.pdbx_ptnr3_label_seq_id 
_struct_conn.pdbx_ptnr3_label_comp_id 
_struct_conn.pdbx_ptnr3_label_asym_id 
_struct_conn.pdbx_ptnr3_label_alt_id 
_struct_conn.pdbx_ptnr3_PDB_ins_code 
_struct_conn.details 
_struct_conn.pdbx_dist_value 
_struct_conn.pdbx_value_order 
_struct_conn.pdbx_role 
covale1  covale both ? B DT  6  "O3'" ? ? ? 1_555 B ORP 7  P  ? ? B DT  18 B ORP 19 1_555 ? ? ? ? ? ? ?               1.627 ? ? 
covale2  covale one  ? B ORP 7  O3    ? ? ? 1_555 B DT  8  P  ? ? B ORP 19 B DT  20 1_555 ? ? ? ? ? ? ?               1.592 ? ? 
hydrog1  hydrog ?    ? A DC  1  N3    ? ? ? 1_555 B DG  12 N1 ? ? A DC  1  B DG  24 1_555 ? ? ? ? ? ? WATSON-CRICK    ?     ? ? 
hydrog2  hydrog ?    ? A DC  1  N4    ? ? ? 1_555 B DG  12 O6 ? ? A DC  1  B DG  24 1_555 ? ? ? ? ? ? WATSON-CRICK    ?     ? ? 
hydrog3  hydrog ?    ? A DC  1  O2    ? ? ? 1_555 B DG  12 N2 ? ? A DC  1  B DG  24 1_555 ? ? ? ? ? ? WATSON-CRICK    ?     ? ? 
hydrog4  hydrog ?    ? A DG  2  N1    ? ? ? 1_555 B DC  11 N3 ? ? A DG  2  B DC  23 1_555 ? ? ? ? ? ? WATSON-CRICK    ?     ? ? 
hydrog5  hydrog ?    ? A DG  2  N2    ? ? ? 1_555 B DC  11 O2 ? ? A DG  2  B DC  23 1_555 ? ? ? ? ? ? WATSON-CRICK    ?     ? ? 
hydrog6  hydrog ?    ? A DG  2  O6    ? ? ? 1_555 B DC  11 N4 ? ? A DG  2  B DC  23 1_555 ? ? ? ? ? ? WATSON-CRICK    ?     ? ? 
hydrog7  hydrog ?    ? A DC  3  N3    ? ? ? 1_555 B DG  10 N1 ? ? A DC  3  B DG  22 1_555 ? ? ? ? ? ? WATSON-CRICK    ?     ? ? 
hydrog8  hydrog ?    ? A DC  3  N4    ? ? ? 1_555 B DG  10 O6 ? ? A DC  3  B DG  22 1_555 ? ? ? ? ? ? WATSON-CRICK    ?     ? ? 
hydrog9  hydrog ?    ? A DC  3  O2    ? ? ? 1_555 B DG  10 N2 ? ? A DC  3  B DG  22 1_555 ? ? ? ? ? ? WATSON-CRICK    ?     ? ? 
hydrog10 hydrog ?    ? A DA  4  N1    ? ? ? 1_555 B DT  9  N3 ? ? A DA  4  B DT  21 1_555 ? ? ? ? ? ? WATSON-CRICK    ?     ? ? 
hydrog11 hydrog ?    ? A DA  4  N6    ? ? ? 1_555 B DT  9  O4 ? ? A DA  4  B DT  21 1_555 ? ? ? ? ? ? WATSON-CRICK    ?     ? ? 
hydrog12 hydrog ?    ? A DA  5  N1    ? ? ? 1_555 B DT  8  N3 ? ? A DA  5  B DT  20 1_555 ? ? ? ? ? ? WATSON-CRICK    ?     ? ? 
hydrog13 hydrog ?    ? A DA  5  N6    ? ? ? 1_555 B DT  8  O4 ? ? A DA  5  B DT  20 1_555 ? ? ? ? ? ? WATSON-CRICK    ?     ? ? 
hydrog14 hydrog ?    ? A DA  6  N1    ? ? ? 1_555 B DT  8  N3 ? ? A DA  6  B DT  20 1_555 ? ? ? ? ? ? 'DA-DT PAIR'    ?     ? ? 
hydrog15 hydrog ?    ? A DA  7  N1    ? ? ? 1_555 B DT  6  N3 ? ? A DA  7  B DT  18 1_555 ? ? ? ? ? ? WATSON-CRICK    ?     ? ? 
hydrog16 hydrog ?    ? A DA  7  N6    ? ? ? 1_555 B DT  6  O4 ? ? A DA  7  B DT  18 1_555 ? ? ? ? ? ? WATSON-CRICK    ?     ? ? 
hydrog17 hydrog ?    ? A DA  8  N1    ? ? ? 1_555 B DT  5  N3 ? ? A DA  8  B DT  17 1_555 ? ? ? ? ? ? WATSON-CRICK    ?     ? ? 
hydrog18 hydrog ?    ? A DA  8  N6    ? ? ? 1_555 B DT  5  O4 ? ? A DA  8  B DT  17 1_555 ? ? ? ? ? ? WATSON-CRICK    ?     ? ? 
hydrog19 hydrog ?    ? A DT  9  O4    ? ? ? 1_555 B DC  3  N4 ? ? A DT  9  B DC  15 1_555 ? ? ? ? ? ? 'DT-DC MISPAIR' ?     ? ? 
hydrog20 hydrog ?    ? A DT  9  N3    ? ? ? 1_555 B DA  4  N1 ? ? A DT  9  B DA  16 1_555 ? ? ? ? ? ? WATSON-CRICK    ?     ? ? 
hydrog21 hydrog ?    ? A DT  9  O4    ? ? ? 1_555 B DA  4  N6 ? ? A DT  9  B DA  16 1_555 ? ? ? ? ? ? WATSON-CRICK    ?     ? ? 
hydrog22 hydrog ?    ? A DG  10 N1    ? ? ? 1_555 B DC  3  N3 ? ? A DG  10 B DC  15 1_555 ? ? ? ? ? ? WATSON-CRICK    ?     ? ? 
hydrog23 hydrog ?    ? A DG  10 N2    ? ? ? 1_555 B DC  3  O2 ? ? A DG  10 B DC  15 1_555 ? ? ? ? ? ? WATSON-CRICK    ?     ? ? 
hydrog24 hydrog ?    ? A DG  10 O6    ? ? ? 1_555 B DC  3  N4 ? ? A DG  10 B DC  15 1_555 ? ? ? ? ? ? WATSON-CRICK    ?     ? ? 
hydrog25 hydrog ?    ? A DC  11 N3    ? ? ? 1_555 B DC  1  N4 ? ? A DC  11 B DC  13 1_555 ? ? ? ? ? ? 'DC-DC MISPAIR' ?     ? ? 
hydrog26 hydrog ?    ? A DC  11 N3    ? ? ? 1_555 B DG  2  N1 ? ? A DC  11 B DG  14 1_555 ? ? ? ? ? ? WATSON-CRICK    ?     ? ? 
hydrog27 hydrog ?    ? A DC  11 N4    ? ? ? 1_555 B DG  2  O6 ? ? A DC  11 B DG  14 1_555 ? ? ? ? ? ? WATSON-CRICK    ?     ? ? 
hydrog28 hydrog ?    ? A DC  11 O2    ? ? ? 1_555 B DG  2  N2 ? ? A DC  11 B DG  14 1_555 ? ? ? ? ? ? WATSON-CRICK    ?     ? ? 
hydrog29 hydrog ?    ? A DG  12 N1    ? ? ? 1_555 B DC  1  N3 ? ? A DG  12 B DC  13 1_555 ? ? ? ? ? ? WATSON-CRICK    ?     ? ? 
hydrog30 hydrog ?    ? A DG  12 N2    ? ? ? 1_555 B DC  1  O2 ? ? A DG  12 B DC  13 1_555 ? ? ? ? ? ? WATSON-CRICK    ?     ? ? 
hydrog31 hydrog ?    ? A DG  12 O6    ? ? ? 1_555 B DC  1  N4 ? ? A DG  12 B DC  13 1_555 ? ? ? ? ? ? WATSON-CRICK    ?     ? ? 
# 
loop_
_struct_conn_type.id 
_struct_conn_type.criteria 
_struct_conn_type.reference 
covale ? ? 
hydrog ? ? 
# 
loop_
_pdbx_validate_close_contact.id 
_pdbx_validate_close_contact.PDB_model_num 
_pdbx_validate_close_contact.auth_atom_id_1 
_pdbx_validate_close_contact.auth_asym_id_1 
_pdbx_validate_close_contact.auth_comp_id_1 
_pdbx_validate_close_contact.auth_seq_id_1 
_pdbx_validate_close_contact.PDB_ins_code_1 
_pdbx_validate_close_contact.label_alt_id_1 
_pdbx_validate_close_contact.auth_atom_id_2 
_pdbx_validate_close_contact.auth_asym_id_2 
_pdbx_validate_close_contact.auth_comp_id_2 
_pdbx_validate_close_contact.auth_seq_id_2 
_pdbx_validate_close_contact.PDB_ins_code_2 
_pdbx_validate_close_contact.label_alt_id_2 
_pdbx_validate_close_contact.dist 
1 1 H61 A DA 5 ? ? O4  B DT 20 ? ? 1.48 
2 1 H61 A DA 7 ? ? O4  B DT 18 ? ? 1.49 
3 1 H61 A DA 4 ? ? O4  B DT 21 ? ? 1.51 
4 1 O4  A DT 9 ? ? H61 B DA 16 ? ? 1.52 
5 1 H61 A DA 8 ? ? O4  B DT 17 ? ? 1.54 
# 
loop_
_pdbx_validate_rmsd_bond.id 
_pdbx_validate_rmsd_bond.PDB_model_num 
_pdbx_validate_rmsd_bond.auth_atom_id_1 
_pdbx_validate_rmsd_bond.auth_asym_id_1 
_pdbx_validate_rmsd_bond.auth_comp_id_1 
_pdbx_validate_rmsd_bond.auth_seq_id_1 
_pdbx_validate_rmsd_bond.PDB_ins_code_1 
_pdbx_validate_rmsd_bond.label_alt_id_1 
_pdbx_validate_rmsd_bond.auth_atom_id_2 
_pdbx_validate_rmsd_bond.auth_asym_id_2 
_pdbx_validate_rmsd_bond.auth_comp_id_2 
_pdbx_validate_rmsd_bond.auth_seq_id_2 
_pdbx_validate_rmsd_bond.PDB_ins_code_2 
_pdbx_validate_rmsd_bond.label_alt_id_2 
_pdbx_validate_rmsd_bond.bond_value 
_pdbx_validate_rmsd_bond.bond_target_value 
_pdbx_validate_rmsd_bond.bond_deviation 
_pdbx_validate_rmsd_bond.bond_standard_deviation 
_pdbx_validate_rmsd_bond.linker_flag 
1  1 "O5'" A DC 1  ? ? "C5'" A DC 1  ? ? 1.057 1.418 -0.361 0.025 N 
2  1 P     A DG 2  ? ? OP2   A DG 2  ? ? 1.370 1.485 -0.115 0.017 N 
3  1 P     A DA 5  ? ? OP1   A DA 5  ? ? 1.300 1.485 -0.185 0.017 N 
4  1 P     A DA 5  ? ? OP2   A DA 5  ? ? 1.307 1.485 -0.178 0.017 N 
5  1 P     A DA 5  ? ? "O5'" A DA 5  ? ? 1.510 1.593 -0.083 0.010 N 
6  1 "O3'" A DA 6  ? ? "C3'" A DA 6  ? ? 1.370 1.419 -0.049 0.006 N 
7  1 "O3'" A DA 6  ? ? P     A DA 7  ? ? 1.441 1.607 -0.166 0.012 Y 
8  1 P     A DA 7  ? ? OP2   A DA 7  ? ? 1.344 1.485 -0.141 0.017 N 
9  1 "O5'" A DA 7  ? ? "C5'" A DA 7  ? ? 1.093 1.418 -0.325 0.025 N 
10 1 "C4'" A DA 7  ? ? "C3'" A DA 7  ? ? 1.452 1.521 -0.069 0.010 N 
11 1 "O3'" A DA 7  ? ? "C3'" A DA 7  ? ? 1.383 1.419 -0.036 0.006 N 
12 1 P     A DA 8  ? ? OP1   A DA 8  ? ? 1.151 1.485 -0.334 0.017 N 
13 1 P     A DA 8  ? ? OP2   A DA 8  ? ? 1.097 1.485 -0.388 0.017 N 
14 1 P     A DA 8  ? ? "O5'" A DA 8  ? ? 1.261 1.593 -0.332 0.010 N 
15 1 "O5'" A DA 8  ? ? "C5'" A DA 8  ? ? 1.118 1.418 -0.300 0.025 N 
16 1 "C5'" A DA 8  ? ? "C4'" A DA 8  ? ? 1.410 1.509 -0.099 0.011 N 
17 1 "C4'" A DA 8  ? ? "C3'" A DA 8  ? ? 1.445 1.521 -0.076 0.010 N 
18 1 P     A DT 9  ? ? "O5'" A DT 9  ? ? 1.531 1.593 -0.062 0.010 N 
19 1 N3    A DT 9  ? ? C4    A DT 9  ? ? 1.326 1.382 -0.056 0.008 N 
20 1 C5    B DT 17 ? ? C7    B DT 17 ? ? 1.551 1.496 0.055  0.006 N 
21 1 C5    B DT 20 ? ? C7    B DT 20 ? ? 1.542 1.496 0.046  0.006 N 
22 1 P     B DT 21 ? ? "O5'" B DT 21 ? ? 1.494 1.593 -0.099 0.010 N 
23 1 C5    B DT 21 ? ? C7    B DT 21 ? ? 1.543 1.496 0.047  0.006 N 
24 1 P     B DG 22 ? ? OP1   B DG 22 ? ? 1.367 1.485 -0.118 0.017 N 
25 1 P     B DG 22 ? ? OP2   B DG 22 ? ? 1.353 1.485 -0.132 0.017 N 
26 1 P     B DG 22 ? ? "O5'" B DG 22 ? ? 1.492 1.593 -0.101 0.010 N 
27 1 "C3'" B DG 24 ? ? "C2'" B DG 24 ? ? 1.449 1.516 -0.067 0.008 N 
28 1 C6    B DG 24 ? ? N1    B DG 24 ? ? 1.345 1.391 -0.046 0.007 N 
# 
loop_
_pdbx_validate_rmsd_angle.id 
_pdbx_validate_rmsd_angle.PDB_model_num 
_pdbx_validate_rmsd_angle.auth_atom_id_1 
_pdbx_validate_rmsd_angle.auth_asym_id_1 
_pdbx_validate_rmsd_angle.auth_comp_id_1 
_pdbx_validate_rmsd_angle.auth_seq_id_1 
_pdbx_validate_rmsd_angle.PDB_ins_code_1 
_pdbx_validate_rmsd_angle.label_alt_id_1 
_pdbx_validate_rmsd_angle.auth_atom_id_2 
_pdbx_validate_rmsd_angle.auth_asym_id_2 
_pdbx_validate_rmsd_angle.auth_comp_id_2 
_pdbx_validate_rmsd_angle.auth_seq_id_2 
_pdbx_validate_rmsd_angle.PDB_ins_code_2 
_pdbx_validate_rmsd_angle.label_alt_id_2 
_pdbx_validate_rmsd_angle.auth_atom_id_3 
_pdbx_validate_rmsd_angle.auth_asym_id_3 
_pdbx_validate_rmsd_angle.auth_comp_id_3 
_pdbx_validate_rmsd_angle.auth_seq_id_3 
_pdbx_validate_rmsd_angle.PDB_ins_code_3 
_pdbx_validate_rmsd_angle.label_alt_id_3 
_pdbx_validate_rmsd_angle.angle_value 
_pdbx_validate_rmsd_angle.angle_target_value 
_pdbx_validate_rmsd_angle.angle_deviation 
_pdbx_validate_rmsd_angle.angle_standard_deviation 
_pdbx_validate_rmsd_angle.linker_flag 
1  1 P     A DG 2  ? ? "O5'" A DG 2  ? ? "C5'" A DG  2  ? ? 133.78 120.90 12.88 1.60 N 
2  1 "O4'" A DG 2  ? ? "C1'" A DG 2  ? ? N9    A DG  2  ? ? 112.46 108.30 4.16  0.30 N 
3  1 "C3'" A DG 2  ? ? "O3'" A DG 2  ? ? P     A DC  3  ? ? 130.63 119.70 10.93 1.20 Y 
4  1 "O4'" A DA 4  ? ? "C1'" A DA 4  ? ? N9    A DA  4  ? ? 113.85 108.30 5.55  0.30 N 
5  1 "C3'" A DA 4  ? ? "O3'" A DA 4  ? ? P     A DA  5  ? ? 129.16 119.70 9.46  1.20 Y 
6  1 "O4'" A DA 5  ? ? "C1'" A DA 5  ? ? N9    A DA  5  ? ? 112.16 108.30 3.86  0.30 N 
7  1 C8    A DA 5  ? ? N9    A DA 5  ? ? C4    A DA  5  ? ? 103.15 105.80 -2.65 0.40 N 
8  1 "C3'" A DA 5  ? ? "O3'" A DA 5  ? ? P     A DA  6  ? ? 127.23 119.70 7.53  1.20 Y 
9  1 P     A DA 6  ? ? "O5'" A DA 6  ? ? "C5'" A DA  6  ? ? 133.28 120.90 12.38 1.60 N 
10 1 "O4'" A DA 6  ? ? "C4'" A DA 6  ? ? "C3'" A DA  6  ? ? 110.12 106.00 4.12  0.60 N 
11 1 "O4'" A DA 6  ? ? "C1'" A DA 6  ? ? N9    A DA  6  ? ? 112.09 108.30 3.79  0.30 N 
12 1 "C3'" A DA 6  ? ? "O3'" A DA 6  ? ? P     A DA  7  ? ? 148.82 119.70 29.12 1.20 Y 
13 1 "O5'" A DA 7  ? ? "C5'" A DA 7  ? ? "C4'" A DA  7  ? ? 146.28 111.00 35.28 2.50 N 
14 1 P     A DA 7  ? ? "O5'" A DA 7  ? ? "C5'" A DA  7  ? ? 139.11 120.90 18.21 1.60 N 
15 1 "O4'" A DA 7  ? ? "C4'" A DA 7  ? ? "C3'" A DA  7  ? ? 109.66 106.00 3.66  0.60 N 
16 1 "O5'" A DA 8  ? ? P     A DA 8  ? ? OP1   A DA  8  ? ? 99.50  105.70 -6.20 0.90 N 
17 1 "O5'" A DA 8  ? ? "C5'" A DA 8  ? ? "C4'" A DA  8  ? ? 139.65 111.00 28.65 2.50 N 
18 1 P     A DA 8  ? ? "O5'" A DA 8  ? ? "C5'" A DA  8  ? ? 135.91 120.90 15.01 1.60 N 
19 1 "O4'" A DA 8  ? ? "C4'" A DA 8  ? ? "C3'" A DA  8  ? ? 114.25 106.00 8.25  0.60 N 
20 1 "C4'" A DA 8  ? ? "C3'" A DA 8  ? ? "C2'" A DA  8  ? ? 98.00  102.20 -4.20 0.70 N 
21 1 "O4'" A DA 8  ? ? "C1'" A DA 8  ? ? N9    A DA  8  ? ? 114.30 108.30 6.00  0.30 N 
22 1 "C3'" A DA 8  ? ? "O3'" A DA 8  ? ? P     A DT  9  ? ? 132.33 119.70 12.63 1.20 Y 
23 1 P     A DT 9  ? ? "O5'" A DT 9  ? ? "C5'" A DT  9  ? ? 131.02 120.90 10.12 1.60 N 
24 1 C5    A DT 9  ? ? C6    A DT 9  ? ? N1    A DT  9  ? ? 120.09 123.70 -3.61 0.60 N 
25 1 "O4'" A DG 10 ? ? "C1'" A DG 10 ? ? N9    A DG  10 ? ? 112.33 108.30 4.03  0.30 N 
26 1 "C3'" A DG 10 ? ? "O3'" A DG 10 ? ? P     A DC  11 ? ? 130.34 119.70 10.64 1.20 Y 
27 1 "O4'" A DC 11 ? ? "C4'" A DC 11 ? ? "C3'" A DC  11 ? ? 109.85 106.00 3.85  0.60 N 
28 1 "O4'" A DC 11 ? ? "C1'" A DC 11 ? ? N1    A DC  11 ? ? 110.32 108.30 2.02  0.30 N 
29 1 N1    A DC 11 ? ? C2    A DC 11 ? ? O2    A DC  11 ? ? 123.06 118.90 4.16  0.60 N 
30 1 "C3'" A DC 11 ? ? "O3'" A DC 11 ? ? P     A DG  12 ? ? 131.87 119.70 12.17 1.20 Y 
31 1 "O4'" A DG 12 ? ? "C4'" A DG 12 ? ? "C3'" A DG  12 ? ? 109.77 106.00 3.77  0.60 N 
32 1 "O4'" B DC 13 ? ? "C4'" B DC 13 ? ? "C3'" B DC  13 ? ? 109.76 106.00 3.76  0.60 N 
33 1 "O4'" B DC 13 ? ? "C1'" B DC 13 ? ? N1    B DC  13 ? ? 112.10 108.30 3.80  0.30 N 
34 1 C2    B DC 13 ? ? N3    B DC 13 ? ? C4    B DC  13 ? ? 124.44 119.90 4.54  0.50 N 
35 1 N1    B DC 13 ? ? C2    B DC 13 ? ? O2    B DC  13 ? ? 124.03 118.90 5.13  0.60 N 
36 1 "O4'" B DG 14 ? ? "C4'" B DG 14 ? ? "C3'" B DG  14 ? ? 110.02 106.00 4.02  0.60 N 
37 1 "O4'" B DG 14 ? ? "C1'" B DG 14 ? ? N9    B DG  14 ? ? 114.09 108.30 5.79  0.30 N 
38 1 "C3'" B DG 14 ? ? "O3'" B DG 14 ? ? P     B DC  15 ? ? 128.96 119.70 9.26  1.20 Y 
39 1 P     B DA 16 ? ? "O5'" B DA 16 ? ? "C5'" B DA  16 ? ? 131.27 120.90 10.37 1.60 N 
40 1 "O4'" B DA 16 ? ? "C1'" B DA 16 ? ? N9    B DA  16 ? ? 115.14 108.30 6.84  0.30 N 
41 1 N9    B DA 16 ? ? C4    B DA 16 ? ? C5    B DA  16 ? ? 108.42 105.80 2.62  0.40 N 
42 1 "C3'" B DA 16 ? ? "O3'" B DA 16 ? ? P     B DT  17 ? ? 128.81 119.70 9.11  1.20 Y 
43 1 C6    B DT 17 ? ? C5    B DT 17 ? ? C7    B DT  17 ? ? 118.31 122.90 -4.59 0.60 N 
44 1 "O4'" B DT 18 ? ? "C1'" B DT 18 ? ? N1    B DT  18 ? ? 111.54 108.30 3.24  0.30 N 
45 1 C6    B DT 18 ? ? C5    B DT 18 ? ? C7    B DT  18 ? ? 117.89 122.90 -5.01 0.60 N 
46 1 "C3'" B DT 18 ? ? "O3'" B DT 18 ? ? P     B ORP 19 ? ? 128.00 119.70 8.30  1.20 Y 
47 1 "O4'" B DT 20 ? ? "C1'" B DT 20 ? ? N1    B DT  20 ? ? 112.89 108.30 4.59  0.30 N 
48 1 C6    B DT 20 ? ? C5    B DT 20 ? ? C7    B DT  20 ? ? 119.24 122.90 -3.66 0.60 N 
49 1 P     B DT 21 ? ? "O5'" B DT 21 ? ? "C5'" B DT  21 ? ? 135.58 120.90 14.68 1.60 N 
50 1 "O4'" B DT 21 ? ? "C1'" B DT 21 ? ? N1    B DT  21 ? ? 111.53 108.30 3.23  0.30 N 
51 1 N3    B DT 21 ? ? C2    B DT 21 ? ? O2    B DT  21 ? ? 118.56 122.30 -3.74 0.60 N 
52 1 "C3'" B DT 21 ? ? "O3'" B DT 21 ? ? P     B DG  22 ? ? 127.36 119.70 7.66  1.20 Y 
53 1 P     B DG 22 ? ? "O5'" B DG 22 ? ? "C5'" B DG  22 ? ? 135.30 120.90 14.40 1.60 N 
54 1 "O4'" B DG 22 ? ? "C1'" B DG 22 ? ? N9    B DG  22 ? ? 112.74 108.30 4.44  0.30 N 
55 1 "C3'" B DG 22 ? ? "O3'" B DG 22 ? ? P     B DC  23 ? ? 132.83 119.70 13.13 1.20 Y 
56 1 C2    B DC 23 ? ? N3    B DC 23 ? ? C4    B DC  23 ? ? 123.14 119.90 3.24  0.50 N 
57 1 N1    B DC 23 ? ? C2    B DC 23 ? ? O2    B DC  23 ? ? 123.66 118.90 4.76  0.60 N 
# 
_pdbx_nmr_ensemble.entry_id                             1SJK 
_pdbx_nmr_ensemble.conformers_calculated_total_number   6 
_pdbx_nmr_ensemble.conformers_submitted_total_number    1 
_pdbx_nmr_ensemble.conformer_selection_criteria         ? 
# 
_pdbx_nmr_details.entry_id   1SJK 
_pdbx_nmr_details.text       
;THIS IS THE AVERAGE OF SIX STRUCTURES CALCULATED AT 2PS INTERVALS FROM 70 PICOSECONDS TO 80 PICOSECONDS DURING RESTRAINED MOLECULAR DYNAMICS.
;
# 
_pdbx_nmr_software.classification   refinement 
_pdbx_nmr_software.name             X-PLOR 
_pdbx_nmr_software.version          3.1 
_pdbx_nmr_software.authors          BRUNGER 
_pdbx_nmr_software.ordinal          1 
# 
loop_
_chem_comp_atom.comp_id 
_chem_comp_atom.atom_id 
_chem_comp_atom.type_symbol 
_chem_comp_atom.pdbx_aromatic_flag 
_chem_comp_atom.pdbx_stereo_config 
_chem_comp_atom.pdbx_ordinal 
DA  OP3    O N N 1   
DA  P      P N N 2   
DA  OP1    O N N 3   
DA  OP2    O N N 4   
DA  "O5'"  O N N 5   
DA  "C5'"  C N N 6   
DA  "C4'"  C N R 7   
DA  "O4'"  O N N 8   
DA  "C3'"  C N S 9   
DA  "O3'"  O N N 10  
DA  "C2'"  C N N 11  
DA  "C1'"  C N R 12  
DA  N9     N Y N 13  
DA  C8     C Y N 14  
DA  N7     N Y N 15  
DA  C5     C Y N 16  
DA  C6     C Y N 17  
DA  N6     N N N 18  
DA  N1     N Y N 19  
DA  C2     C Y N 20  
DA  N3     N Y N 21  
DA  C4     C Y N 22  
DA  HOP3   H N N 23  
DA  HOP2   H N N 24  
DA  "H5'"  H N N 25  
DA  "H5''" H N N 26  
DA  "H4'"  H N N 27  
DA  "H3'"  H N N 28  
DA  "HO3'" H N N 29  
DA  "H2'"  H N N 30  
DA  "H2''" H N N 31  
DA  "H1'"  H N N 32  
DA  H8     H N N 33  
DA  H61    H N N 34  
DA  H62    H N N 35  
DA  H2     H N N 36  
DC  OP3    O N N 37  
DC  P      P N N 38  
DC  OP1    O N N 39  
DC  OP2    O N N 40  
DC  "O5'"  O N N 41  
DC  "C5'"  C N N 42  
DC  "C4'"  C N R 43  
DC  "O4'"  O N N 44  
DC  "C3'"  C N S 45  
DC  "O3'"  O N N 46  
DC  "C2'"  C N N 47  
DC  "C1'"  C N R 48  
DC  N1     N N N 49  
DC  C2     C N N 50  
DC  O2     O N N 51  
DC  N3     N N N 52  
DC  C4     C N N 53  
DC  N4     N N N 54  
DC  C5     C N N 55  
DC  C6     C N N 56  
DC  HOP3   H N N 57  
DC  HOP2   H N N 58  
DC  "H5'"  H N N 59  
DC  "H5''" H N N 60  
DC  "H4'"  H N N 61  
DC  "H3'"  H N N 62  
DC  "HO3'" H N N 63  
DC  "H2'"  H N N 64  
DC  "H2''" H N N 65  
DC  "H1'"  H N N 66  
DC  H41    H N N 67  
DC  H42    H N N 68  
DC  H5     H N N 69  
DC  H6     H N N 70  
DG  OP3    O N N 71  
DG  P      P N N 72  
DG  OP1    O N N 73  
DG  OP2    O N N 74  
DG  "O5'"  O N N 75  
DG  "C5'"  C N N 76  
DG  "C4'"  C N R 77  
DG  "O4'"  O N N 78  
DG  "C3'"  C N S 79  
DG  "O3'"  O N N 80  
DG  "C2'"  C N N 81  
DG  "C1'"  C N R 82  
DG  N9     N Y N 83  
DG  C8     C Y N 84  
DG  N7     N Y N 85  
DG  C5     C Y N 86  
DG  C6     C N N 87  
DG  O6     O N N 88  
DG  N1     N N N 89  
DG  C2     C N N 90  
DG  N2     N N N 91  
DG  N3     N N N 92  
DG  C4     C Y N 93  
DG  HOP3   H N N 94  
DG  HOP2   H N N 95  
DG  "H5'"  H N N 96  
DG  "H5''" H N N 97  
DG  "H4'"  H N N 98  
DG  "H3'"  H N N 99  
DG  "HO3'" H N N 100 
DG  "H2'"  H N N 101 
DG  "H2''" H N N 102 
DG  "H1'"  H N N 103 
DG  H8     H N N 104 
DG  H1     H N N 105 
DG  H21    H N N 106 
DG  H22    H N N 107 
DT  OP3    O N N 108 
DT  P      P N N 109 
DT  OP1    O N N 110 
DT  OP2    O N N 111 
DT  "O5'"  O N N 112 
DT  "C5'"  C N N 113 
DT  "C4'"  C N R 114 
DT  "O4'"  O N N 115 
DT  "C3'"  C N S 116 
DT  "O3'"  O N N 117 
DT  "C2'"  C N N 118 
DT  "C1'"  C N R 119 
DT  N1     N N N 120 
DT  C2     C N N 121 
DT  O2     O N N 122 
DT  N3     N N N 123 
DT  C4     C N N 124 
DT  O4     O N N 125 
DT  C5     C N N 126 
DT  C7     C N N 127 
DT  C6     C N N 128 
DT  HOP3   H N N 129 
DT  HOP2   H N N 130 
DT  "H5'"  H N N 131 
DT  "H5''" H N N 132 
DT  "H4'"  H N N 133 
DT  "H3'"  H N N 134 
DT  "HO3'" H N N 135 
DT  "H2'"  H N N 136 
DT  "H2''" H N N 137 
DT  "H1'"  H N N 138 
DT  H3     H N N 139 
DT  H71    H N N 140 
DT  H72    H N N 141 
DT  H73    H N N 142 
DT  H6     H N N 143 
ORP C1     C N S 144 
ORP O1     O N N 145 
ORP C2     C N N 146 
ORP C3     C N S 147 
ORP O3     O N N 148 
ORP C4     C N R 149 
ORP O4     O N N 150 
ORP C5     C N N 151 
ORP O5     O N N 152 
ORP P      P N N 153 
ORP O1P    O N N 154 
ORP O2P    O N N 155 
ORP O3P    O N N 156 
ORP H1     H N N 157 
ORP HO1    H N N 158 
ORP H21    H N N 159 
ORP H22    H N N 160 
ORP H3     H N N 161 
ORP HO3    H N N 162 
ORP H4     H N N 163 
ORP H51    H N N 164 
ORP H52    H N N 165 
ORP HOP2   H N N 166 
ORP HOP3   H N N 167 
# 
loop_
_chem_comp_bond.comp_id 
_chem_comp_bond.atom_id_1 
_chem_comp_bond.atom_id_2 
_chem_comp_bond.value_order 
_chem_comp_bond.pdbx_aromatic_flag 
_chem_comp_bond.pdbx_stereo_config 
_chem_comp_bond.pdbx_ordinal 
DA  OP3   P      sing N N 1   
DA  OP3   HOP3   sing N N 2   
DA  P     OP1    doub N N 3   
DA  P     OP2    sing N N 4   
DA  P     "O5'"  sing N N 5   
DA  OP2   HOP2   sing N N 6   
DA  "O5'" "C5'"  sing N N 7   
DA  "C5'" "C4'"  sing N N 8   
DA  "C5'" "H5'"  sing N N 9   
DA  "C5'" "H5''" sing N N 10  
DA  "C4'" "O4'"  sing N N 11  
DA  "C4'" "C3'"  sing N N 12  
DA  "C4'" "H4'"  sing N N 13  
DA  "O4'" "C1'"  sing N N 14  
DA  "C3'" "O3'"  sing N N 15  
DA  "C3'" "C2'"  sing N N 16  
DA  "C3'" "H3'"  sing N N 17  
DA  "O3'" "HO3'" sing N N 18  
DA  "C2'" "C1'"  sing N N 19  
DA  "C2'" "H2'"  sing N N 20  
DA  "C2'" "H2''" sing N N 21  
DA  "C1'" N9     sing N N 22  
DA  "C1'" "H1'"  sing N N 23  
DA  N9    C8     sing Y N 24  
DA  N9    C4     sing Y N 25  
DA  C8    N7     doub Y N 26  
DA  C8    H8     sing N N 27  
DA  N7    C5     sing Y N 28  
DA  C5    C6     sing Y N 29  
DA  C5    C4     doub Y N 30  
DA  C6    N6     sing N N 31  
DA  C6    N1     doub Y N 32  
DA  N6    H61    sing N N 33  
DA  N6    H62    sing N N 34  
DA  N1    C2     sing Y N 35  
DA  C2    N3     doub Y N 36  
DA  C2    H2     sing N N 37  
DA  N3    C4     sing Y N 38  
DC  OP3   P      sing N N 39  
DC  OP3   HOP3   sing N N 40  
DC  P     OP1    doub N N 41  
DC  P     OP2    sing N N 42  
DC  P     "O5'"  sing N N 43  
DC  OP2   HOP2   sing N N 44  
DC  "O5'" "C5'"  sing N N 45  
DC  "C5'" "C4'"  sing N N 46  
DC  "C5'" "H5'"  sing N N 47  
DC  "C5'" "H5''" sing N N 48  
DC  "C4'" "O4'"  sing N N 49  
DC  "C4'" "C3'"  sing N N 50  
DC  "C4'" "H4'"  sing N N 51  
DC  "O4'" "C1'"  sing N N 52  
DC  "C3'" "O3'"  sing N N 53  
DC  "C3'" "C2'"  sing N N 54  
DC  "C3'" "H3'"  sing N N 55  
DC  "O3'" "HO3'" sing N N 56  
DC  "C2'" "C1'"  sing N N 57  
DC  "C2'" "H2'"  sing N N 58  
DC  "C2'" "H2''" sing N N 59  
DC  "C1'" N1     sing N N 60  
DC  "C1'" "H1'"  sing N N 61  
DC  N1    C2     sing N N 62  
DC  N1    C6     sing N N 63  
DC  C2    O2     doub N N 64  
DC  C2    N3     sing N N 65  
DC  N3    C4     doub N N 66  
DC  C4    N4     sing N N 67  
DC  C4    C5     sing N N 68  
DC  N4    H41    sing N N 69  
DC  N4    H42    sing N N 70  
DC  C5    C6     doub N N 71  
DC  C5    H5     sing N N 72  
DC  C6    H6     sing N N 73  
DG  OP3   P      sing N N 74  
DG  OP3   HOP3   sing N N 75  
DG  P     OP1    doub N N 76  
DG  P     OP2    sing N N 77  
DG  P     "O5'"  sing N N 78  
DG  OP2   HOP2   sing N N 79  
DG  "O5'" "C5'"  sing N N 80  
DG  "C5'" "C4'"  sing N N 81  
DG  "C5'" "H5'"  sing N N 82  
DG  "C5'" "H5''" sing N N 83  
DG  "C4'" "O4'"  sing N N 84  
DG  "C4'" "C3'"  sing N N 85  
DG  "C4'" "H4'"  sing N N 86  
DG  "O4'" "C1'"  sing N N 87  
DG  "C3'" "O3'"  sing N N 88  
DG  "C3'" "C2'"  sing N N 89  
DG  "C3'" "H3'"  sing N N 90  
DG  "O3'" "HO3'" sing N N 91  
DG  "C2'" "C1'"  sing N N 92  
DG  "C2'" "H2'"  sing N N 93  
DG  "C2'" "H2''" sing N N 94  
DG  "C1'" N9     sing N N 95  
DG  "C1'" "H1'"  sing N N 96  
DG  N9    C8     sing Y N 97  
DG  N9    C4     sing Y N 98  
DG  C8    N7     doub Y N 99  
DG  C8    H8     sing N N 100 
DG  N7    C5     sing Y N 101 
DG  C5    C6     sing N N 102 
DG  C5    C4     doub Y N 103 
DG  C6    O6     doub N N 104 
DG  C6    N1     sing N N 105 
DG  N1    C2     sing N N 106 
DG  N1    H1     sing N N 107 
DG  C2    N2     sing N N 108 
DG  C2    N3     doub N N 109 
DG  N2    H21    sing N N 110 
DG  N2    H22    sing N N 111 
DG  N3    C4     sing N N 112 
DT  OP3   P      sing N N 113 
DT  OP3   HOP3   sing N N 114 
DT  P     OP1    doub N N 115 
DT  P     OP2    sing N N 116 
DT  P     "O5'"  sing N N 117 
DT  OP2   HOP2   sing N N 118 
DT  "O5'" "C5'"  sing N N 119 
DT  "C5'" "C4'"  sing N N 120 
DT  "C5'" "H5'"  sing N N 121 
DT  "C5'" "H5''" sing N N 122 
DT  "C4'" "O4'"  sing N N 123 
DT  "C4'" "C3'"  sing N N 124 
DT  "C4'" "H4'"  sing N N 125 
DT  "O4'" "C1'"  sing N N 126 
DT  "C3'" "O3'"  sing N N 127 
DT  "C3'" "C2'"  sing N N 128 
DT  "C3'" "H3'"  sing N N 129 
DT  "O3'" "HO3'" sing N N 130 
DT  "C2'" "C1'"  sing N N 131 
DT  "C2'" "H2'"  sing N N 132 
DT  "C2'" "H2''" sing N N 133 
DT  "C1'" N1     sing N N 134 
DT  "C1'" "H1'"  sing N N 135 
DT  N1    C2     sing N N 136 
DT  N1    C6     sing N N 137 
DT  C2    O2     doub N N 138 
DT  C2    N3     sing N N 139 
DT  N3    C4     sing N N 140 
DT  N3    H3     sing N N 141 
DT  C4    O4     doub N N 142 
DT  C4    C5     sing N N 143 
DT  C5    C7     sing N N 144 
DT  C5    C6     doub N N 145 
DT  C7    H71    sing N N 146 
DT  C7    H72    sing N N 147 
DT  C7    H73    sing N N 148 
DT  C6    H6     sing N N 149 
ORP C1    O1     sing N N 150 
ORP C1    C2     sing N N 151 
ORP C1    O4     sing N N 152 
ORP C1    H1     sing N N 153 
ORP O1    HO1    sing N N 154 
ORP C2    C3     sing N N 155 
ORP C2    H21    sing N N 156 
ORP C2    H22    sing N N 157 
ORP C3    O3     sing N N 158 
ORP C3    C4     sing N N 159 
ORP C3    H3     sing N N 160 
ORP O3    HO3    sing N N 161 
ORP C4    O4     sing N N 162 
ORP C4    C5     sing N N 163 
ORP C4    H4     sing N N 164 
ORP C5    O5     sing N N 165 
ORP C5    H51    sing N N 166 
ORP C5    H52    sing N N 167 
ORP O5    P      sing N N 168 
ORP P     O1P    doub N N 169 
ORP P     O2P    sing N N 170 
ORP P     O3P    sing N N 171 
ORP O2P   HOP2   sing N N 172 
ORP O3P   HOP3   sing N N 173 
# 
loop_
_ndb_struct_conf_na.entry_id 
_ndb_struct_conf_na.feature 
1SJK 'double helix'         
1SJK 'b-form double helix'  
1SJK 'mismatched base pair' 
# 
loop_
_ndb_struct_na_base_pair.model_number 
_ndb_struct_na_base_pair.i_label_asym_id 
_ndb_struct_na_base_pair.i_label_comp_id 
_ndb_struct_na_base_pair.i_label_seq_id 
_ndb_struct_na_base_pair.i_symmetry 
_ndb_struct_na_base_pair.j_label_asym_id 
_ndb_struct_na_base_pair.j_label_comp_id 
_ndb_struct_na_base_pair.j_label_seq_id 
_ndb_struct_na_base_pair.j_symmetry 
_ndb_struct_na_base_pair.shear 
_ndb_struct_na_base_pair.stretch 
_ndb_struct_na_base_pair.stagger 
_ndb_struct_na_base_pair.buckle 
_ndb_struct_na_base_pair.propeller 
_ndb_struct_na_base_pair.opening 
_ndb_struct_na_base_pair.pair_number 
_ndb_struct_na_base_pair.pair_name 
_ndb_struct_na_base_pair.i_auth_asym_id 
_ndb_struct_na_base_pair.i_auth_seq_id 
_ndb_struct_na_base_pair.i_PDB_ins_code 
_ndb_struct_na_base_pair.j_auth_asym_id 
_ndb_struct_na_base_pair.j_auth_seq_id 
_ndb_struct_na_base_pair.j_PDB_ins_code 
_ndb_struct_na_base_pair.hbond_type_28 
_ndb_struct_na_base_pair.hbond_type_12 
1 A DC 1  1_555 B DG 12 1_555 0.494  -0.283 0.606  -17.515 -8.317  -2.010  1  A_DC1:DG24_B  A 1  ? B 24 ? 19 1 
1 A DG 2  1_555 B DC 11 1_555 -0.477 -0.300 0.905  21.138  4.073   -2.205  2  A_DG2:DC23_B  A 2  ? B 23 ? 19 1 
1 A DC 3  1_555 B DG 10 1_555 0.379  -0.288 0.101  4.247   -7.912  -3.905  3  A_DC3:DG22_B  A 3  ? B 22 ? 19 1 
1 A DA 4  1_555 B DT 9  1_555 0.335  -0.206 0.126  19.530  -33.442 -17.383 4  A_DA4:DT21_B  A 4  ? B 21 ? 20 1 
1 A DA 5  1_555 B DT 8  1_555 0.202  -0.316 -0.708 27.058  0.739   -13.991 5  A_DA5:DT20_B  A 5  ? B 20 ? 20 1 
1 A DA 7  1_555 B DT 6  1_555 0.141  -0.046 -0.446 -31.863 -24.500 -14.882 6  A_DA7:DT18_B  A 7  ? B 18 ? 20 1 
1 A DA 8  1_555 B DT 5  1_555 0.250  -0.145 -0.045 -5.552  -7.318  -9.803  7  A_DA8:DT17_B  A 8  ? B 17 ? 20 1 
1 A DT 9  1_555 B DA 4  1_555 -0.308 -0.184 0.366  -12.987 -20.115 -13.210 8  A_DT9:DA16_B  A 9  ? B 16 ? 20 1 
1 A DG 10 1_555 B DC 3  1_555 -0.254 -0.291 0.722  8.723   -7.083  -5.319  9  A_DG10:DC15_B A 10 ? B 15 ? 19 1 
1 A DC 11 1_555 B DG 2  1_555 0.389  -0.298 0.483  -6.714  5.080   -1.744  10 A_DC11:DG14_B A 11 ? B 14 ? 19 1 
1 A DG 12 1_555 B DC 1  1_555 -0.244 -0.302 0.672  18.408  -20.285 -5.598  11 A_DG12:DC13_B A 12 ? B 13 ? 19 1 
# 
loop_
_ndb_struct_na_base_pair_step.model_number 
_ndb_struct_na_base_pair_step.i_label_asym_id_1 
_ndb_struct_na_base_pair_step.i_label_comp_id_1 
_ndb_struct_na_base_pair_step.i_label_seq_id_1 
_ndb_struct_na_base_pair_step.i_symmetry_1 
_ndb_struct_na_base_pair_step.j_label_asym_id_1 
_ndb_struct_na_base_pair_step.j_label_comp_id_1 
_ndb_struct_na_base_pair_step.j_label_seq_id_1 
_ndb_struct_na_base_pair_step.j_symmetry_1 
_ndb_struct_na_base_pair_step.i_label_asym_id_2 
_ndb_struct_na_base_pair_step.i_label_comp_id_2 
_ndb_struct_na_base_pair_step.i_label_seq_id_2 
_ndb_struct_na_base_pair_step.i_symmetry_2 
_ndb_struct_na_base_pair_step.j_label_asym_id_2 
_ndb_struct_na_base_pair_step.j_label_comp_id_2 
_ndb_struct_na_base_pair_step.j_label_seq_id_2 
_ndb_struct_na_base_pair_step.j_symmetry_2 
_ndb_struct_na_base_pair_step.shift 
_ndb_struct_na_base_pair_step.slide 
_ndb_struct_na_base_pair_step.rise 
_ndb_struct_na_base_pair_step.tilt 
_ndb_struct_na_base_pair_step.roll 
_ndb_struct_na_base_pair_step.twist 
_ndb_struct_na_base_pair_step.x_displacement 
_ndb_struct_na_base_pair_step.y_displacement 
_ndb_struct_na_base_pair_step.helical_rise 
_ndb_struct_na_base_pair_step.inclination 
_ndb_struct_na_base_pair_step.tip 
_ndb_struct_na_base_pair_step.helical_twist 
_ndb_struct_na_base_pair_step.step_number 
_ndb_struct_na_base_pair_step.step_name 
_ndb_struct_na_base_pair_step.i_auth_asym_id_1 
_ndb_struct_na_base_pair_step.i_auth_seq_id_1 
_ndb_struct_na_base_pair_step.i_PDB_ins_code_1 
_ndb_struct_na_base_pair_step.j_auth_asym_id_1 
_ndb_struct_na_base_pair_step.j_auth_seq_id_1 
_ndb_struct_na_base_pair_step.j_PDB_ins_code_1 
_ndb_struct_na_base_pair_step.i_auth_asym_id_2 
_ndb_struct_na_base_pair_step.i_auth_seq_id_2 
_ndb_struct_na_base_pair_step.i_PDB_ins_code_2 
_ndb_struct_na_base_pair_step.j_auth_asym_id_2 
_ndb_struct_na_base_pair_step.j_auth_seq_id_2 
_ndb_struct_na_base_pair_step.j_PDB_ins_code_2 
1 A DC 1  1_555 B DG 12 1_555 A DG 2  1_555 B DC 11 1_555 0.364  -0.141 2.416 -3.068 -6.815  20.374 1.618  -1.866 2.264 -18.482 
8.320   21.688 1  AA_DC1DG2:DC23DG24_BB   A 1  ? B 24 ? A 2  ? B 23 ? 
1 A DG 2  1_555 B DC 11 1_555 A DC 3  1_555 B DG 10 1_555 0.246  -0.655 4.006 7.225  -13.279 49.940 0.369  0.327  4.044 -15.327 
-8.339  52.037 2  AA_DG2DC3:DG22DC23_BB   A 2  ? B 23 ? A 3  ? B 22 ? 
1 A DC 3  1_555 B DG 10 1_555 A DA 4  1_555 B DT 9  1_555 -0.460 0.527  3.084 0.431  4.519   27.886 0.076  1.037  3.121 9.299   
-0.887  28.246 3  AA_DC3DA4:DT21DG22_BB   A 3  ? B 22 ? A 4  ? B 21 ? 
1 A DA 4  1_555 B DT 9  1_555 A DA 5  1_555 B DT 8  1_555 1.270  -0.040 3.605 0.526  -33.154 44.787 2.183  -1.335 2.998 -38.002 
-0.602  55.213 4  AA_DA4DA5:DT20DT21_BB   A 4  ? B 21 ? A 5  ? B 20 ? 
1 A DA 5  1_555 B DT 8  1_555 A DA 7  1_555 B DT 6  1_555 1.039  0.453  5.810 41.378 10.494  83.575 -0.074 0.810  5.803 7.471   
-29.455 92.029 5  AA_DA5DA7:DT18DT20_BB   A 5  ? B 20 ? A 7  ? B 18 ? 
1 A DA 7  1_555 B DT 6  1_555 A DA 8  1_555 B DT 5  1_555 0.601  1.426  2.581 -3.938 -4.693  24.771 4.215  -2.189 2.159 -10.731 
9.005   25.506 6  AA_DA7DA8:DT17DT18_BB   A 7  ? B 18 ? A 8  ? B 17 ? 
1 A DA 8  1_555 B DT 5  1_555 A DT 9  1_555 B DA 4  1_555 -0.536 -0.928 3.561 -1.507 -14.331 42.117 0.287  0.550  3.689 -19.277 
2.027   44.408 7  AA_DA8DT9:DA16DT17_BB   A 8  ? B 17 ? A 9  ? B 16 ? 
1 A DT 9  1_555 B DA 4  1_555 A DG 10 1_555 B DC 3  1_555 0.187  0.668  2.958 -2.166 -4.790  27.364 2.402  -0.848 2.780 -10.008 
4.525   27.855 8  AA_DT9DG10:DC15DA16_BB  A 9  ? B 16 ? A 10 ? B 15 ? 
1 A DG 10 1_555 B DC 3  1_555 A DC 11 1_555 B DG 2  1_555 0.275  -0.804 4.037 -0.122 -16.337 48.283 0.529  -0.332 4.090 -19.339 
0.144   50.814 9  AA_DG10DC11:DG14DC15_BB A 10 ? B 15 ? A 11 ? B 14 ? 
1 A DC 11 1_555 B DG 2  1_555 A DG 12 1_555 B DC 1  1_555 -1.469 1.478  2.824 -0.086 -12.733 28.352 4.653  2.734  1.995 -24.494 
0.165   31.026 10 AA_DC11DG12:DC13DG14_BB A 11 ? B 14 ? A 12 ? B 13 ? 
# 
_atom_sites.entry_id                    1SJK 
_atom_sites.fract_transf_matrix[1][1]   1.000000 
_atom_sites.fract_transf_matrix[1][2]   0.000000 
_atom_sites.fract_transf_matrix[1][3]   0.000000 
_atom_sites.fract_transf_matrix[2][1]   0.000000 
_atom_sites.fract_transf_matrix[2][2]   1.000000 
_atom_sites.fract_transf_matrix[2][3]   0.000000 
_atom_sites.fract_transf_matrix[3][1]   0.000000 
_atom_sites.fract_transf_matrix[3][2]   0.000000 
_atom_sites.fract_transf_matrix[3][3]   1.000000 
_atom_sites.fract_transf_vector[1]      0.00000 
_atom_sites.fract_transf_vector[2]      0.00000 
_atom_sites.fract_transf_vector[3]      0.00000 
# 
loop_
_atom_type.symbol 
C 
H 
N 
O 
P 
# 
loop_
_atom_site.group_PDB 
_atom_site.id 
_atom_site.type_symbol 
_atom_site.label_atom_id 
_atom_site.label_alt_id 
_atom_site.label_comp_id 
_atom_site.label_asym_id 
_atom_site.label_entity_id 
_atom_site.label_seq_id 
_atom_site.pdbx_PDB_ins_code 
_atom_site.Cartn_x 
_atom_site.Cartn_y 
_atom_site.Cartn_z 
_atom_site.occupancy 
_atom_site.B_iso_or_equiv 
_atom_site.pdbx_formal_charge 
_atom_site.auth_seq_id 
_atom_site.auth_comp_id 
_atom_site.auth_asym_id 
_atom_site.auth_atom_id 
_atom_site.pdbx_PDB_model_num 
ATOM   1   O "O5'"  . DC  A 1 1  ? -2.800  -10.903 18.970  1.00 0.00 ? 1  DC  A "O5'"  1 
ATOM   2   C "C5'"  . DC  A 1 1  ? -2.864  -9.887  19.257  1.00 0.00 ? 1  DC  A "C5'"  1 
ATOM   3   C "C4'"  . DC  A 1 1  ? -3.353  -8.922  18.193  1.00 0.00 ? 1  DC  A "C4'"  1 
ATOM   4   O "O4'"  . DC  A 1 1  ? -2.932  -7.595  18.398  1.00 0.00 ? 1  DC  A "O4'"  1 
ATOM   5   C "C3'"  . DC  A 1 1  ? -2.968  -9.349  16.763  1.00 0.00 ? 1  DC  A "C3'"  1 
ATOM   6   O "O3'"  . DC  A 1 1  ? -3.990  -10.176 16.180  1.00 0.00 ? 1  DC  A "O3'"  1 
ATOM   7   C "C2'"  . DC  A 1 1  ? -2.668  -8.029  16.075  1.00 0.00 ? 1  DC  A "C2'"  1 
ATOM   8   C "C1'"  . DC  A 1 1  ? -2.832  -6.928  17.131  1.00 0.00 ? 1  DC  A "C1'"  1 
ATOM   9   N N1     . DC  A 1 1  ? -1.687  -5.997  17.140  1.00 0.00 ? 1  DC  A N1     1 
ATOM   10  C C2     . DC  A 1 1  ? -1.938  -4.687  16.848  1.00 0.00 ? 1  DC  A C2     1 
ATOM   11  O O2     . DC  A 1 1  ? -3.088  -4.350  16.637  1.00 0.00 ? 1  DC  A O2     1 
ATOM   12  N N3     . DC  A 1 1  ? -0.920  -3.812  16.844  1.00 0.00 ? 1  DC  A N3     1 
ATOM   13  C C4     . DC  A 1 1  ? 0.313   -4.183  17.093  1.00 0.00 ? 1  DC  A C4     1 
ATOM   14  N N4     . DC  A 1 1  ? 1.237   -3.235  17.057  1.00 0.00 ? 1  DC  A N4     1 
ATOM   15  C C5     . DC  A 1 1  ? 0.616   -5.544  17.392  1.00 0.00 ? 1  DC  A C5     1 
ATOM   16  C C6     . DC  A 1 1  ? -0.438  -6.399  17.403  1.00 0.00 ? 1  DC  A C6     1 
ATOM   17  H "H5'"  . DC  A 1 1  ? -2.093  -9.778  19.595  1.00 0.00 ? 1  DC  A "H5'"  1 
ATOM   18  H "H5''" . DC  A 1 1  ? -3.248  -9.927  19.938  1.00 0.00 ? 1  DC  A "H5''" 1 
ATOM   19  H "H4'"  . DC  A 1 1  ? -4.428  -8.891  18.269  1.00 0.00 ? 1  DC  A "H4'"  1 
ATOM   20  H "H3'"  . DC  A 1 1  ? -2.091  -9.961  16.876  1.00 0.00 ? 1  DC  A "H3'"  1 
ATOM   21  H "H2'"  . DC  A 1 1  ? -1.670  -8.078  15.683  1.00 0.00 ? 1  DC  A "H2'"  1 
ATOM   22  H "H2''" . DC  A 1 1  ? -3.349  -7.844  15.257  1.00 0.00 ? 1  DC  A "H2''" 1 
ATOM   23  H "H1'"  . DC  A 1 1  ? -3.738  -6.349  16.983  1.00 0.00 ? 1  DC  A "H1'"  1 
ATOM   24  H H41    . DC  A 1 1  ? 0.979   -2.285  17.086  1.00 0.00 ? 1  DC  A H41    1 
ATOM   25  H H42    . DC  A 1 1  ? 2.176   -3.418  16.966  1.00 0.00 ? 1  DC  A H42    1 
ATOM   26  H H5     . DC  A 1 1  ? 1.612   -5.852  17.592  1.00 0.00 ? 1  DC  A H5     1 
ATOM   27  H H6     . DC  A 1 1  ? -0.331  -7.445  17.618  1.00 0.00 ? 1  DC  A H6     1 
ATOM   28  H "HO5'" . DC  A 1 1  ? -3.084  -10.710 18.239  1.00 0.00 ? 1  DC  A "HO5'" 1 
ATOM   29  P P      . DG  A 1 2  ? -3.952  -10.682 14.649  1.00 0.00 ? 2  DG  A P      1 
ATOM   30  O OP1    . DG  A 1 2  ? -4.700  -11.841 14.483  1.00 0.00 ? 2  DG  A OP1    1 
ATOM   31  O OP2    . DG  A 1 2  ? -2.634  -10.679 14.277  1.00 0.00 ? 2  DG  A OP2    1 
ATOM   32  O "O5'"  . DG  A 1 2  ? -4.693  -9.585  13.861  1.00 0.00 ? 2  DG  A "O5'"  1 
ATOM   33  C "C5'"  . DG  A 1 2  ? -5.725  -8.728  14.165  1.00 0.00 ? 2  DG  A "C5'"  1 
ATOM   34  C "C4'"  . DG  A 1 2  ? -5.747  -7.441  13.404  1.00 0.00 ? 2  DG  A "C4'"  1 
ATOM   35  O "O4'"  . DG  A 1 2  ? -4.712  -6.527  13.890  1.00 0.00 ? 2  DG  A "O4'"  1 
ATOM   36  C "C3'"  . DG  A 1 2  ? -5.603  -7.590  11.882  1.00 0.00 ? 2  DG  A "C3'"  1 
ATOM   37  O "O3'"  . DG  A 1 2  ? -6.747  -7.032  11.221  1.00 0.00 ? 2  DG  A "O3'"  1 
ATOM   38  C "C2'"  . DG  A 1 2  ? -4.281  -6.877  11.631  1.00 0.00 ? 2  DG  A "C2'"  1 
ATOM   39  C "C1'"  . DG  A 1 2  ? -4.108  -5.883  12.771  1.00 0.00 ? 2  DG  A "C1'"  1 
ATOM   40  N N9     . DG  A 1 2  ? -2.738  -5.451  13.047  1.00 0.00 ? 2  DG  A N9     1 
ATOM   41  C C8     . DG  A 1 2  ? -1.602  -6.171  13.149  1.00 0.00 ? 2  DG  A C8     1 
ATOM   42  N N7     . DG  A 1 2  ? -0.539  -5.461  13.425  1.00 0.00 ? 2  DG  A N7     1 
ATOM   43  C C5     . DG  A 1 2  ? -1.022  -4.174  13.509  1.00 0.00 ? 2  DG  A C5     1 
ATOM   44  C C6     . DG  A 1 2  ? -0.357  -2.950  13.721  1.00 0.00 ? 2  DG  A C6     1 
ATOM   45  O O6     . DG  A 1 2  ? 0.827   -2.755  13.973  1.00 0.00 ? 2  DG  A O6     1 
ATOM   46  N N1     . DG  A 1 2  ? -1.213  -1.884  13.662  1.00 0.00 ? 2  DG  A N1     1 
ATOM   47  C C2     . DG  A 1 2  ? -2.553  -1.957  13.415  1.00 0.00 ? 2  DG  A C2     1 
ATOM   48  N N2     . DG  A 1 2  ? -3.245  -0.834  13.333  1.00 0.00 ? 2  DG  A N2     1 
ATOM   49  N N3     . DG  A 1 2  ? -3.192  -3.101  13.212  1.00 0.00 ? 2  DG  A N3     1 
ATOM   50  C C4     . DG  A 1 2  ? -2.351  -4.151  13.283  1.00 0.00 ? 2  DG  A C4     1 
ATOM   51  H "H5'"  . DG  A 1 2  ? -5.708  -8.480  15.146  1.00 0.00 ? 2  DG  A "H5'"  1 
ATOM   52  H "H5''" . DG  A 1 2  ? -6.598  -9.237  13.965  1.00 0.00 ? 2  DG  A "H5''" 1 
ATOM   53  H "H4'"  . DG  A 1 2  ? -6.730  -7.041  13.593  1.00 0.00 ? 2  DG  A "H4'"  1 
ATOM   54  H "H3'"  . DG  A 1 2  ? -5.632  -8.618  11.554  1.00 0.00 ? 2  DG  A "H3'"  1 
ATOM   55  H "H2'"  . DG  A 1 2  ? -3.448  -7.549  11.607  1.00 0.00 ? 2  DG  A "H2'"  1 
ATOM   56  H "H2''" . DG  A 1 2  ? -4.284  -6.328  10.702  1.00 0.00 ? 2  DG  A "H2''" 1 
ATOM   57  H "H1'"  . DG  A 1 2  ? -4.668  -4.989  12.536  1.00 0.00 ? 2  DG  A "H1'"  1 
ATOM   58  H H8     . DG  A 1 2  ? -1.562  -7.243  12.996  1.00 0.00 ? 2  DG  A H8     1 
ATOM   59  H H1     . DG  A 1 2  ? -0.794  -0.986  13.818  1.00 0.00 ? 2  DG  A H1     1 
ATOM   60  H H21    . DG  A 1 2  ? -2.876  0.027   13.686  1.00 0.00 ? 2  DG  A H21    1 
ATOM   61  H H22    . DG  A 1 2  ? -4.111  -0.930  12.893  1.00 0.00 ? 2  DG  A H22    1 
ATOM   62  P P      . DC  A 1 3  ? -6.866  -5.815  10.228  1.00 0.00 ? 3  DC  A P      1 
ATOM   63  O OP1    . DC  A 1 3  ? -8.253  -5.635  9.846   1.00 0.00 ? 3  DC  A OP1    1 
ATOM   64  O OP2    . DC  A 1 3  ? -5.878  -6.012  9.207   1.00 0.00 ? 3  DC  A OP2    1 
ATOM   65  O "O5'"  . DC  A 1 3  ? -6.430  -4.579  11.119  1.00 0.00 ? 3  DC  A "O5'"  1 
ATOM   66  C "C5'"  . DC  A 1 3  ? -7.327  -3.640  11.708  1.00 0.00 ? 3  DC  A "C5'"  1 
ATOM   67  C "C4'"  . DC  A 1 3  ? -7.102  -2.196  11.284  1.00 0.00 ? 3  DC  A "C4'"  1 
ATOM   68  O "O4'"  . DC  A 1 3  ? -5.722  -1.845  11.464  1.00 0.00 ? 3  DC  A "O4'"  1 
ATOM   69  C "C3'"  . DC  A 1 3  ? -7.474  -1.896  9.800   1.00 0.00 ? 3  DC  A "C3'"  1 
ATOM   70  O "O3'"  . DC  A 1 3  ? -8.421  -0.819  9.754   1.00 0.00 ? 3  DC  A "O3'"  1 
ATOM   71  C "C2'"  . DC  A 1 3  ? -6.194  -1.401  9.171   1.00 0.00 ? 3  DC  A "C2'"  1 
ATOM   72  C "C1'"  . DC  A 1 3  ? -5.168  -1.249  10.300  1.00 0.00 ? 3  DC  A "C1'"  1 
ATOM   73  N N1     . DC  A 1 3  ? -3.889  -1.960  10.105  1.00 0.00 ? 3  DC  A N1     1 
ATOM   74  C C2     . DC  A 1 3  ? -2.736  -1.202  10.304  1.00 0.00 ? 3  DC  A C2     1 
ATOM   75  O O2     . DC  A 1 3  ? -2.792  -0.018  10.575  1.00 0.00 ? 3  DC  A O2     1 
ATOM   76  N N3     . DC  A 1 3  ? -1.546  -1.805  10.156  1.00 0.00 ? 3  DC  A N3     1 
ATOM   77  C C4     . DC  A 1 3  ? -1.460  -3.106  9.804   1.00 0.00 ? 3  DC  A C4     1 
ATOM   78  N N4     . DC  A 1 3  ? -0.280  -3.675  9.634   1.00 0.00 ? 3  DC  A N4     1 
ATOM   79  C C5     . DC  A 1 3  ? -2.644  -3.898  9.594   1.00 0.00 ? 3  DC  A C5     1 
ATOM   80  C C6     . DC  A 1 3  ? -3.840  -3.269  9.765   1.00 0.00 ? 3  DC  A C6     1 
ATOM   81  H "H5'"  . DC  A 1 3  ? -7.126  -3.639  12.750  1.00 0.00 ? 3  DC  A "H5'"  1 
ATOM   82  H "H5''" . DC  A 1 3  ? -8.334  -3.936  11.531  1.00 0.00 ? 3  DC  A "H5''" 1 
ATOM   83  H "H4'"  . DC  A 1 3  ? -7.711  -1.569  11.909  1.00 0.00 ? 3  DC  A "H4'"  1 
ATOM   84  H "H3'"  . DC  A 1 3  ? -7.935  -2.743  9.321   1.00 0.00 ? 3  DC  A "H3'"  1 
ATOM   85  H "H2'"  . DC  A 1 3  ? -5.853  -2.071  8.399   1.00 0.00 ? 3  DC  A "H2'"  1 
ATOM   86  H "H2''" . DC  A 1 3  ? -6.333  -0.407  8.758   1.00 0.00 ? 3  DC  A "H2''" 1 
ATOM   87  H "H1'"  . DC  A 1 3  ? -4.941  -0.212  10.536  1.00 0.00 ? 3  DC  A "H1'"  1 
ATOM   88  H H41    . DC  A 1 3  ? 0.551   -3.231  9.979   1.00 0.00 ? 3  DC  A H41    1 
ATOM   89  H H42    . DC  A 1 3  ? -0.215  -4.528  9.167   1.00 0.00 ? 3  DC  A H42    1 
ATOM   90  H H5     . DC  A 1 3  ? -2.650  -4.950  9.324   1.00 0.00 ? 3  DC  A H5     1 
ATOM   91  H H6     . DC  A 1 3  ? -4.778  -3.807  9.671   1.00 0.00 ? 3  DC  A H6     1 
ATOM   92  P P      . DA  A 1 4  ? -9.267  -0.410  8.491   1.00 0.00 ? 4  DA  A P      1 
ATOM   93  O OP1    . DA  A 1 4  ? -10.640 -0.731  8.765   1.00 0.00 ? 4  DA  A OP1    1 
ATOM   94  O OP2    . DA  A 1 4  ? -8.652  -0.955  7.333   1.00 0.00 ? 4  DA  A OP2    1 
ATOM   95  O "O5'"  . DA  A 1 4  ? -9.118  1.172   8.470   1.00 0.00 ? 4  DA  A "O5'"  1 
ATOM   96  C "C5'"  . DA  A 1 4  ? -8.153  1.922   9.151   1.00 0.00 ? 4  DA  A "C5'"  1 
ATOM   97  C "C4'"  . DA  A 1 4  ? -7.075  2.606   8.345   1.00 0.00 ? 4  DA  A "C4'"  1 
ATOM   98  O "O4'"  . DA  A 1 4  ? -5.903  1.800   8.312   1.00 0.00 ? 4  DA  A "O4'"  1 
ATOM   99  C "C3'"  . DA  A 1 4  ? -7.448  2.843   6.867   1.00 0.00 ? 4  DA  A "C3'"  1 
ATOM   100 O "O3'"  . DA  A 1 4  ? -7.551  4.235   6.524   1.00 0.00 ? 4  DA  A "O3'"  1 
ATOM   101 C "C2'"  . DA  A 1 4  ? -6.391  2.094   6.053   1.00 0.00 ? 4  DA  A "C2'"  1 
ATOM   102 C "C1'"  . DA  A 1 4  ? -5.291  1.819   7.018   1.00 0.00 ? 4  DA  A "C1'"  1 
ATOM   103 N N9     . DA  A 1 4  ? -4.432  0.643   6.744   1.00 0.00 ? 4  DA  A N9     1 
ATOM   104 C C8     . DA  A 1 4  ? -4.692  -0.571  6.172   1.00 0.00 ? 4  DA  A C8     1 
ATOM   105 N N7     . DA  A 1 4  ? -3.660  -1.342  6.108   1.00 0.00 ? 4  DA  A N7     1 
ATOM   106 C C5     . DA  A 1 4  ? -2.624  -0.578  6.677   1.00 0.00 ? 4  DA  A C5     1 
ATOM   107 C C6     . DA  A 1 4  ? -1.288  -0.809  6.863   1.00 0.00 ? 4  DA  A C6     1 
ATOM   108 N N6     . DA  A 1 4  ? -0.677  -1.934  6.525   1.00 0.00 ? 4  DA  A N6     1 
ATOM   109 N N1     . DA  A 1 4  ? -0.579  0.185   7.407   1.00 0.00 ? 4  DA  A N1     1 
ATOM   110 C C2     . DA  A 1 4  ? -1.177  1.315   7.731   1.00 0.00 ? 4  DA  A C2     1 
ATOM   111 N N3     . DA  A 1 4  ? -2.432  1.634   7.604   1.00 0.00 ? 4  DA  A N3     1 
ATOM   112 C C4     . DA  A 1 4  ? -3.098  0.618   7.059   1.00 0.00 ? 4  DA  A C4     1 
ATOM   113 H "H5'"  . DA  A 1 4  ? -7.675  1.270   9.845   1.00 0.00 ? 4  DA  A "H5'"  1 
ATOM   114 H "H5''" . DA  A 1 4  ? -8.672  2.689   9.674   1.00 0.00 ? 4  DA  A "H5''" 1 
ATOM   115 H "H4'"  . DA  A 1 4  ? -6.806  3.544   8.797   1.00 0.00 ? 4  DA  A "H4'"  1 
ATOM   116 H "H3'"  . DA  A 1 4  ? -8.443  2.469   6.706   1.00 0.00 ? 4  DA  A "H3'"  1 
ATOM   117 H "H2'"  . DA  A 1 4  ? -6.786  1.169   5.682   1.00 0.00 ? 4  DA  A "H2'"  1 
ATOM   118 H "H2''" . DA  A 1 4  ? -6.036  2.665   5.226   1.00 0.00 ? 4  DA  A "H2''" 1 
ATOM   119 H "H1'"  . DA  A 1 4  ? -4.661  2.696   7.020   1.00 0.00 ? 4  DA  A "H1'"  1 
ATOM   120 H H8     . DA  A 1 4  ? -5.671  -0.842  5.807   1.00 0.00 ? 4  DA  A H8     1 
ATOM   121 H H61    . DA  A 1 4  ? 0.128   -2.256  7.067   1.00 0.00 ? 4  DA  A H61    1 
ATOM   122 H H62    . DA  A 1 4  ? -0.992  -2.450  5.728   1.00 0.00 ? 4  DA  A H62    1 
ATOM   123 H H2     . DA  A 1 4  ? -0.537  2.070   8.165   1.00 0.00 ? 4  DA  A H2     1 
ATOM   124 P P      . DA  A 1 5  ? -6.464  5.346   6.587   1.00 0.00 ? 5  DA  A P      1 
ATOM   125 O OP1    . DA  A 1 5  ? -6.961  6.360   7.232   1.00 0.00 ? 5  DA  A OP1    1 
ATOM   126 O OP2    . DA  A 1 5  ? -6.074  5.484   5.348   1.00 0.00 ? 5  DA  A OP2    1 
ATOM   127 O "O5'"  . DA  A 1 5  ? -5.251  4.865   7.347   1.00 0.00 ? 5  DA  A "O5'"  1 
ATOM   128 C "C5'"  . DA  A 1 5  ? -4.257  5.666   7.956   1.00 0.00 ? 5  DA  A "C5'"  1 
ATOM   129 C "C4'"  . DA  A 1 5  ? -3.030  6.003   7.101   1.00 0.00 ? 5  DA  A "C4'"  1 
ATOM   130 O "O4'"  . DA  A 1 5  ? -2.486  4.759   6.597   1.00 0.00 ? 5  DA  A "O4'"  1 
ATOM   131 C "C3'"  . DA  A 1 5  ? -3.301  6.917   5.917   1.00 0.00 ? 5  DA  A "C3'"  1 
ATOM   132 O "O3'"  . DA  A 1 5  ? -2.459  8.072   6.049   1.00 0.00 ? 5  DA  A "O3'"  1 
ATOM   133 C "C2'"  . DA  A 1 5  ? -2.936  6.032   4.730   1.00 0.00 ? 5  DA  A "C2'"  1 
ATOM   134 C "C1'"  . DA  A 1 5  ? -2.150  4.863   5.228   1.00 0.00 ? 5  DA  A "C1'"  1 
ATOM   135 N N9     . DA  A 1 5  ? -2.367  3.593   4.502   1.00 0.00 ? 5  DA  A N9     1 
ATOM   136 C C8     . DA  A 1 5  ? -3.418  3.127   3.721   1.00 0.00 ? 5  DA  A C8     1 
ATOM   137 N N7     . DA  A 1 5  ? -3.248  1.928   3.261   1.00 0.00 ? 5  DA  A N7     1 
ATOM   138 C C5     . DA  A 1 5  ? -2.010  1.557   3.736   1.00 0.00 ? 5  DA  A C5     1 
ATOM   139 C C6     . DA  A 1 5  ? -1.237  0.390   3.553   1.00 0.00 ? 5  DA  A C6     1 
ATOM   140 N N6     . DA  A 1 5  ? -1.698  -0.628  2.852   1.00 0.00 ? 5  DA  A N6     1 
ATOM   141 N N1     . DA  A 1 5  ? -0.022  0.349   4.118   1.00 0.00 ? 5  DA  A N1     1 
ATOM   142 C C2     . DA  A 1 5  ? 0.368   1.396   4.819   1.00 0.00 ? 5  DA  A C2     1 
ATOM   143 N N3     . DA  A 1 5  ? -0.264  2.540   5.065   1.00 0.00 ? 5  DA  A N3     1 
ATOM   144 C C4     . DA  A 1 5  ? -1.474  2.549   4.479   1.00 0.00 ? 5  DA  A C4     1 
ATOM   145 H "H5'"  . DA  A 1 5  ? -3.955  5.161   8.814   1.00 0.00 ? 5  DA  A "H5'"  1 
ATOM   146 H "H5''" . DA  A 1 5  ? -4.672  6.591   8.240   1.00 0.00 ? 5  DA  A "H5''" 1 
ATOM   147 H "H4'"  . DA  A 1 5  ? -2.263  6.436   7.728   1.00 0.00 ? 5  DA  A "H4'"  1 
ATOM   148 H "H3'"  . DA  A 1 5  ? -4.313  7.234   5.943   1.00 0.00 ? 5  DA  A "H3'"  1 
ATOM   149 H "H2'"  . DA  A 1 5  ? -3.804  5.731   4.198   1.00 0.00 ? 5  DA  A "H2'"  1 
ATOM   150 H "H2''" . DA  A 1 5  ? -2.371  6.587   4.012   1.00 0.00 ? 5  DA  A "H2''" 1 
ATOM   151 H "H1'"  . DA  A 1 5  ? -1.102  5.065   5.211   1.00 0.00 ? 5  DA  A "H1'"  1 
ATOM   152 H H8     . DA  A 1 5  ? -4.329  3.677   3.513   1.00 0.00 ? 5  DA  A H8     1 
ATOM   153 H H61    . DA  A 1 5  ? -1.108  -1.123  2.190   1.00 0.00 ? 5  DA  A H61    1 
ATOM   154 H H62    . DA  A 1 5  ? -2.606  -0.919  2.969   1.00 0.00 ? 5  DA  A H62    1 
ATOM   155 H H2     . DA  A 1 5  ? 1.344   1.298   5.266   1.00 0.00 ? 5  DA  A H2     1 
ATOM   156 P P      . DA  A 1 6  ? -2.131  9.155   4.932   1.00 0.00 ? 6  DA  A P      1 
ATOM   157 O OP1    . DA  A 1 6  ? -3.017  10.249  5.147   1.00 0.00 ? 6  DA  A OP1    1 
ATOM   158 O OP2    . DA  A 1 6  ? -2.123  8.510   3.625   1.00 0.00 ? 6  DA  A OP2    1 
ATOM   159 O "O5'"  . DA  A 1 6  ? -0.671  9.602   5.300   1.00 0.00 ? 6  DA  A "O5'"  1 
ATOM   160 C "C5'"  . DA  A 1 6  ? 0.339   10.082  4.588   1.00 0.00 ? 6  DA  A "C5'"  1 
ATOM   161 C "C4'"  . DA  A 1 6  ? 1.524   9.211   4.405   1.00 0.00 ? 6  DA  A "C4'"  1 
ATOM   162 O "O4'"  . DA  A 1 6  ? 1.132   7.823   4.415   1.00 0.00 ? 6  DA  A "O4'"  1 
ATOM   163 C "C3'"  . DA  A 1 6  ? 2.269   9.522   3.160   1.00 0.00 ? 6  DA  A "C3'"  1 
ATOM   164 O "O3'"  . DA  A 1 6  ? 3.572   9.877   3.392   1.00 0.00 ? 6  DA  A "O3'"  1 
ATOM   165 C "C2'"  . DA  A 1 6  ? 2.195   8.255   2.339   1.00 0.00 ? 6  DA  A "C2'"  1 
ATOM   166 C "C1'"  . DA  A 1 6  ? 1.758   7.175   3.306   1.00 0.00 ? 6  DA  A "C1'"  1 
ATOM   167 N N9     . DA  A 1 6  ? 0.874   6.215   2.663   1.00 0.00 ? 6  DA  A N9     1 
ATOM   168 C C8     . DA  A 1 6  ? -0.337  6.446   2.055   1.00 0.00 ? 6  DA  A C8     1 
ATOM   169 N N7     . DA  A 1 6  ? -0.886  5.381   1.564   1.00 0.00 ? 6  DA  A N7     1 
ATOM   170 C C5     . DA  A 1 6  ? 0.001   4.365   1.853   1.00 0.00 ? 6  DA  A C5     1 
ATOM   171 C C6     . DA  A 1 6  ? -0.016  2.984   1.616   1.00 0.00 ? 6  DA  A C6     1 
ATOM   172 N N6     . DA  A 1 6  ? -1.002  2.388   0.984   1.00 0.00 ? 6  DA  A N6     1 
ATOM   173 N N1     . DA  A 1 6  ? 1.015   2.269   2.056   1.00 0.00 ? 6  DA  A N1     1 
ATOM   174 C C2     . DA  A 1 6  ? 1.990   2.870   2.688   1.00 0.00 ? 6  DA  A C2     1 
ATOM   175 N N3     . DA  A 1 6  ? 2.115   4.154   2.979   1.00 0.00 ? 6  DA  A N3     1 
ATOM   176 C C4     . DA  A 1 6  ? 1.068   4.854   2.520   1.00 0.00 ? 6  DA  A C4     1 
ATOM   177 H "H5'"  . DA  A 1 6  ? 0.729   10.914  5.007   1.00 0.00 ? 6  DA  A "H5'"  1 
ATOM   178 H "H5''" . DA  A 1 6  ? -0.013  10.345  3.684   1.00 0.00 ? 6  DA  A "H5''" 1 
ATOM   179 H "H4'"  . DA  A 1 6  ? 2.178   9.334   5.227   1.00 0.00 ? 6  DA  A "H4'"  1 
ATOM   180 H "H3'"  . DA  A 1 6  ? 1.797   10.355  2.692   1.00 0.00 ? 6  DA  A "H3'"  1 
ATOM   181 H "H2'"  . DA  A 1 6  ? 1.447   8.360   1.565   1.00 0.00 ? 6  DA  A "H2'"  1 
ATOM   182 H "H2''" . DA  A 1 6  ? 3.145   7.988   1.897   1.00 0.00 ? 6  DA  A "H2''" 1 
ATOM   183 H "H1'"  . DA  A 1 6  ? 2.627   6.674   3.685   1.00 0.00 ? 6  DA  A "H1'"  1 
ATOM   184 H H8     . DA  A 1 6  ? -0.827  7.410   1.958   1.00 0.00 ? 6  DA  A H8     1 
ATOM   185 H H61    . DA  A 1 6  ? -0.836  2.037   0.082   1.00 0.00 ? 6  DA  A H61    1 
ATOM   186 H H62    . DA  A 1 6  ? -1.866  2.276   1.453   1.00 0.00 ? 6  DA  A H62    1 
ATOM   187 H H2     . DA  A 1 6  ? 2.806   2.236   3.005   1.00 0.00 ? 6  DA  A H2     1 
ATOM   188 P P      . DA  A 1 7  ? 4.975   9.628   3.176   1.00 0.00 ? 7  DA  A P      1 
ATOM   189 O OP1    . DA  A 1 7  ? 5.523   9.762   4.442   1.00 0.00 ? 7  DA  A OP1    1 
ATOM   190 O OP2    . DA  A 1 7  ? 5.408   10.445  2.201   1.00 0.00 ? 7  DA  A OP2    1 
ATOM   191 O "O5'"  . DA  A 1 7  ? 5.001   8.157   2.595   1.00 0.00 ? 7  DA  A "O5'"  1 
ATOM   192 C "C5'"  . DA  A 1 7  ? 5.727   7.421   2.242   1.00 0.00 ? 7  DA  A "C5'"  1 
ATOM   193 C "C4'"  . DA  A 1 7  ? 5.927   6.133   1.616   1.00 0.00 ? 7  DA  A "C4'"  1 
ATOM   194 O "O4'"  . DA  A 1 7  ? 4.716   5.463   1.408   1.00 0.00 ? 7  DA  A "O4'"  1 
ATOM   195 C "C3'"  . DA  A 1 7  ? 6.653   6.229   0.362   1.00 0.00 ? 7  DA  A "C3'"  1 
ATOM   196 O "O3'"  . DA  A 1 7  ? 7.877   5.602   0.504   1.00 0.00 ? 7  DA  A "O3'"  1 
ATOM   197 C "C2'"  . DA  A 1 7  ? 5.748   5.537   -0.634  1.00 0.00 ? 7  DA  A "C2'"  1 
ATOM   198 C "C1'"  . DA  A 1 7  ? 4.737   4.811   0.177   1.00 0.00 ? 7  DA  A "C1'"  1 
ATOM   199 N N9     . DA  A 1 7  ? 3.382   4.823   -0.422  1.00 0.00 ? 7  DA  A N9     1 
ATOM   200 C C8     . DA  A 1 7  ? 2.655   5.899   -0.833  1.00 0.00 ? 7  DA  A C8     1 
ATOM   201 N N7     . DA  A 1 7  ? 1.493   5.608   -1.314  1.00 0.00 ? 7  DA  A N7     1 
ATOM   202 C C5     . DA  A 1 7  ? 1.447   4.230   -1.219  1.00 0.00 ? 7  DA  A C5     1 
ATOM   203 C C6     . DA  A 1 7  ? 0.493   3.287   -1.620  1.00 0.00 ? 7  DA  A C6     1 
ATOM   204 N N6     . DA  A 1 7  ? -0.687  3.647   -2.116  1.00 0.00 ? 7  DA  A N6     1 
ATOM   205 N N1     . DA  A 1 7  ? 0.745   2.004   -1.470  1.00 0.00 ? 7  DA  A N1     1 
ATOM   206 C C2     . DA  A 1 7  ? 1.897   1.669   -0.933  1.00 0.00 ? 7  DA  A C2     1 
ATOM   207 N N3     . DA  A 1 7  ? 2.889   2.436   -0.485  1.00 0.00 ? 7  DA  A N3     1 
ATOM   208 C C4     . DA  A 1 7  ? 2.588   3.728   -0.673  1.00 0.00 ? 7  DA  A C4     1 
ATOM   209 H "H5'"  . DA  A 1 7  ? 5.944   7.394   2.644   1.00 0.00 ? 7  DA  A "H5'"  1 
ATOM   210 H "H5''" . DA  A 1 7  ? 5.925   7.763   2.049   1.00 0.00 ? 7  DA  A "H5''" 1 
ATOM   211 H "H4'"  . DA  A 1 7  ? 6.547   5.563   2.269   1.00 0.00 ? 7  DA  A "H4'"  1 
ATOM   212 H "H3'"  . DA  A 1 7  ? 6.831   7.227   0.111   1.00 0.00 ? 7  DA  A "H3'"  1 
ATOM   213 H "H2'"  . DA  A 1 7  ? 5.259   6.253   -1.290  1.00 0.00 ? 7  DA  A "H2'"  1 
ATOM   214 H "H2''" . DA  A 1 7  ? 6.320   4.835   -1.202  1.00 0.00 ? 7  DA  A "H2''" 1 
ATOM   215 H "H1'"  . DA  A 1 7  ? 5.045   3.811   0.374   1.00 0.00 ? 7  DA  A "H1'"  1 
ATOM   216 H H8     . DA  A 1 7  ? 3.027   6.915   -0.784  1.00 0.00 ? 7  DA  A H8     1 
ATOM   217 H H61    . DA  A 1 7  ? -1.517  3.101   -1.892  1.00 0.00 ? 7  DA  A H61    1 
ATOM   218 H H62    . DA  A 1 7  ? -0.755  4.434   -2.699  1.00 0.00 ? 7  DA  A H62    1 
ATOM   219 H H2     . DA  A 1 7  ? 2.071   0.599   -0.854  1.00 0.00 ? 7  DA  A H2     1 
ATOM   220 P P      . DA  A 1 8  ? 9.176   5.947   -0.254  1.00 0.00 ? 8  DA  A P      1 
ATOM   221 O OP1    . DA  A 1 8  ? 10.166  5.691   0.274   1.00 0.00 ? 8  DA  A OP1    1 
ATOM   222 O OP2    . DA  A 1 8  ? 9.067   6.997   -0.555  1.00 0.00 ? 8  DA  A OP2    1 
ATOM   223 O "O5'"  . DA  A 1 8  ? 9.324   5.275   -1.311  1.00 0.00 ? 8  DA  A "O5'"  1 
ATOM   224 C "C5'"  . DA  A 1 8  ? 9.474   4.197   -1.561  1.00 0.00 ? 8  DA  A "C5'"  1 
ATOM   225 C "C4'"  . DA  A 1 8  ? 8.766   3.116   -2.126  1.00 0.00 ? 8  DA  A "C4'"  1 
ATOM   226 O "O4'"  . DA  A 1 8  ? 7.383   3.408   -2.054  1.00 0.00 ? 8  DA  A "O4'"  1 
ATOM   227 C "C3'"  . DA  A 1 8  ? 9.230   2.759   -3.447  1.00 0.00 ? 8  DA  A "C3'"  1 
ATOM   228 O "O3'"  . DA  A 1 8  ? 9.653   1.416   -3.509  1.00 0.00 ? 8  DA  A "O3'"  1 
ATOM   229 C "C2'"  . DA  A 1 8  ? 7.990   3.087   -4.196  1.00 0.00 ? 8  DA  A "C2'"  1 
ATOM   230 C "C1'"  . DA  A 1 8  ? 6.843   3.027   -3.254  1.00 0.00 ? 8  DA  A "C1'"  1 
ATOM   231 N N9     . DA  A 1 8  ? 5.628   3.766   -3.633  1.00 0.00 ? 8  DA  A N9     1 
ATOM   232 C C8     . DA  A 1 8  ? 5.502   5.090   -3.972  1.00 0.00 ? 8  DA  A C8     1 
ATOM   233 N N7     . DA  A 1 8  ? 4.264   5.427   -4.278  1.00 0.00 ? 8  DA  A N7     1 
ATOM   234 C C5     . DA  A 1 8  ? 3.545   4.251   -4.119  1.00 0.00 ? 8  DA  A C5     1 
ATOM   235 C C6     . DA  A 1 8  ? 2.226   3.897   -4.476  1.00 0.00 ? 8  DA  A C6     1 
ATOM   236 N N6     . DA  A 1 8  ? 1.336   4.805   -4.858  1.00 0.00 ? 8  DA  A N6     1 
ATOM   237 N N1     . DA  A 1 8  ? 1.894   2.597   -4.407  1.00 0.00 ? 8  DA  A N1     1 
ATOM   238 C C2     . DA  A 1 8  ? 2.823   1.710   -4.009  1.00 0.00 ? 8  DA  A C2     1 
ATOM   239 N N3     . DA  A 1 8  ? 4.070   1.917   -3.645  1.00 0.00 ? 8  DA  A N3     1 
ATOM   240 C C4     . DA  A 1 8  ? 4.378   3.235   -3.729  1.00 0.00 ? 8  DA  A C4     1 
ATOM   241 H "H5'"  . DA  A 1 8  ? 9.683   4.117   -0.925  1.00 0.00 ? 8  DA  A "H5'"  1 
ATOM   242 H "H5''" . DA  A 1 8  ? 9.924   4.192   -1.998  1.00 0.00 ? 8  DA  A "H5''" 1 
ATOM   243 H "H4'"  . DA  A 1 8  ? 8.974   2.327   -1.542  1.00 0.00 ? 8  DA  A "H4'"  1 
ATOM   244 H "H3'"  . DA  A 1 8  ? 10.067  3.278   -3.692  1.00 0.00 ? 8  DA  A "H3'"  1 
ATOM   245 H "H2'"  . DA  A 1 8  ? 8.013   4.080   -4.563  1.00 0.00 ? 8  DA  A "H2'"  1 
ATOM   246 H "H2''" . DA  A 1 8  ? 7.790   2.448   -5.004  1.00 0.00 ? 8  DA  A "H2''" 1 
ATOM   247 H "H1'"  . DA  A 1 8  ? 6.621   2.007   -3.151  1.00 0.00 ? 8  DA  A "H1'"  1 
ATOM   248 H H8     . DA  A 1 8  ? 6.351   5.765   -3.993  1.00 0.00 ? 8  DA  A H8     1 
ATOM   249 H H61    . DA  A 1 8  ? 0.337   4.556   -4.873  1.00 0.00 ? 8  DA  A H61    1 
ATOM   250 H H62    . DA  A 1 8  ? 1.592   5.720   -5.136  1.00 0.00 ? 8  DA  A H62    1 
ATOM   251 H H2     . DA  A 1 8  ? 2.588   0.652   -3.934  1.00 0.00 ? 8  DA  A H2     1 
ATOM   252 P P      . DT  A 1 9  ? 9.235   0.236   -4.410  1.00 0.00 ? 9  DT  A P      1 
ATOM   253 O OP1    . DT  A 1 9  ? 10.195  -0.827  -4.145  1.00 0.00 ? 9  DT  A OP1    1 
ATOM   254 O OP2    . DT  A 1 9  ? 9.049   0.703   -5.741  1.00 0.00 ? 9  DT  A OP2    1 
ATOM   255 O "O5'"  . DT  A 1 9  ? 7.856   -0.135  -3.858  1.00 0.00 ? 9  DT  A "O5'"  1 
ATOM   256 C "C5'"  . DT  A 1 9  ? 7.470   -1.068  -2.841  1.00 0.00 ? 9  DT  A "C5'"  1 
ATOM   257 C "C4'"  . DT  A 1 9  ? 6.316   -1.984  -3.253  1.00 0.00 ? 9  DT  A "C4'"  1 
ATOM   258 O "O4'"  . DT  A 1 9  ? 5.211   -1.238  -3.772  1.00 0.00 ? 9  DT  A "O4'"  1 
ATOM   259 C "C3'"  . DT  A 1 9  ? 6.768   -2.987  -4.323  1.00 0.00 ? 9  DT  A "C3'"  1 
ATOM   260 O "O3'"  . DT  A 1 9  ? 6.584   -4.315  -3.873  1.00 0.00 ? 9  DT  A "O3'"  1 
ATOM   261 C "C2'"  . DT  A 1 9  ? 5.886   -2.678  -5.519  1.00 0.00 ? 9  DT  A "C2'"  1 
ATOM   262 C "C1'"  . DT  A 1 9  ? 4.802   -1.756  -5.006  1.00 0.00 ? 9  DT  A "C1'"  1 
ATOM   263 N N1     . DT  A 1 9  ? 4.499   -0.615  -5.912  1.00 0.00 ? 9  DT  A N1     1 
ATOM   264 C C2     . DT  A 1 9  ? 3.216   -0.478  -6.351  1.00 0.00 ? 9  DT  A C2     1 
ATOM   265 O O2     . DT  A 1 9  ? 2.342   -1.255  -6.039  1.00 0.00 ? 9  DT  A O2     1 
ATOM   266 N N3     . DT  A 1 9  ? 2.955   0.605   -7.160  1.00 0.00 ? 9  DT  A N3     1 
ATOM   267 C C4     . DT  A 1 9  ? 3.820   1.526   -7.563  1.00 0.00 ? 9  DT  A C4     1 
ATOM   268 O O4     . DT  A 1 9  ? 3.450   2.424   -8.303  1.00 0.00 ? 9  DT  A O4     1 
ATOM   269 C C5     . DT  A 1 9  ? 5.166   1.347   -7.091  1.00 0.00 ? 9  DT  A C5     1 
ATOM   270 C C7     . DT  A 1 9  ? 6.253   2.322   -7.495  1.00 0.00 ? 9  DT  A C7     1 
ATOM   271 C C6     . DT  A 1 9  ? 5.478   0.288   -6.281  1.00 0.00 ? 9  DT  A C6     1 
ATOM   272 H "H5'"  . DT  A 1 9  ? 7.138   -0.529  -1.978  1.00 0.00 ? 9  DT  A "H5'"  1 
ATOM   273 H "H5''" . DT  A 1 9  ? 8.349   -1.621  -2.554  1.00 0.00 ? 9  DT  A "H5''" 1 
ATOM   274 H "H4'"  . DT  A 1 9  ? 6.018   -2.545  -2.375  1.00 0.00 ? 9  DT  A "H4'"  1 
ATOM   275 H "H3'"  . DT  A 1 9  ? 7.820   -2.809  -4.478  1.00 0.00 ? 9  DT  A "H3'"  1 
ATOM   276 H "H2'"  . DT  A 1 9  ? 6.459   -2.181  -6.285  1.00 0.00 ? 9  DT  A "H2'"  1 
ATOM   277 H "H2''" . DT  A 1 9  ? 5.497   -3.576  -5.955  1.00 0.00 ? 9  DT  A "H2''" 1 
ATOM   278 H "H1'"  . DT  A 1 9  ? 3.906   -2.336  -4.795  1.00 0.00 ? 9  DT  A "H1'"  1 
ATOM   279 H H3     . DT  A 1 9  ? 2.021   0.697   -7.484  1.00 0.00 ? 9  DT  A H3     1 
ATOM   280 H H71    . DT  A 1 9  ? 6.424   2.513   -7.644  1.00 0.00 ? 9  DT  A H71    1 
ATOM   281 H H72    . DT  A 1 9  ? 6.575   2.581   -7.566  1.00 0.00 ? 9  DT  A H72    1 
ATOM   282 H H73    . DT  A 1 9  ? 6.597   2.550   -7.636  1.00 0.00 ? 9  DT  A H73    1 
ATOM   283 H H6     . DT  A 1 9  ? 6.493   0.143   -5.939  1.00 0.00 ? 9  DT  A H6     1 
ATOM   284 P P      . DG  A 1 10 ? 7.065   -5.665  -4.636  1.00 0.00 ? 10 DG  A P      1 
ATOM   285 O OP1    . DG  A 1 10 ? 7.202   -6.726  -3.630  1.00 0.00 ? 10 DG  A OP1    1 
ATOM   286 O OP2    . DG  A 1 10 ? 8.230   -5.319  -5.471  1.00 0.00 ? 10 DG  A OP2    1 
ATOM   287 O "O5'"  . DG  A 1 10 ? 5.816   -6.020  -5.610  1.00 0.00 ? 10 DG  A "O5'"  1 
ATOM   288 C "C5'"  . DG  A 1 10 ? 4.553   -6.462  -5.134  1.00 0.00 ? 10 DG  A "C5'"  1 
ATOM   289 C "C4'"  . DG  A 1 10 ? 3.452   -6.447  -6.189  1.00 0.00 ? 10 DG  A "C4'"  1 
ATOM   290 O "O4'"  . DG  A 1 10 ? 3.360   -5.156  -6.748  1.00 0.00 ? 10 DG  A "O4'"  1 
ATOM   291 C "C3'"  . DG  A 1 10 ? 3.675   -7.440  -7.350  1.00 0.00 ? 10 DG  A "C3'"  1 
ATOM   292 O "O3'"  . DG  A 1 10 ? 2.459   -8.207  -7.566  1.00 0.00 ? 10 DG  A "O3'"  1 
ATOM   293 C "C2'"  . DG  A 1 10 ? 4.096   -6.499  -8.472  1.00 0.00 ? 10 DG  A "C2'"  1 
ATOM   294 C "C1'"  . DG  A 1 10 ? 3.366   -5.224  -8.149  1.00 0.00 ? 10 DG  A "C1'"  1 
ATOM   295 N N9     . DG  A 1 10 ? 3.842   -3.975  -8.767  1.00 0.00 ? 10 DG  A N9     1 
ATOM   296 C C8     . DG  A 1 10 ? 5.119   -3.498  -8.927  1.00 0.00 ? 10 DG  A C8     1 
ATOM   297 N N7     . DG  A 1 10 ? 5.169   -2.305  -9.497  1.00 0.00 ? 10 DG  A N7     1 
ATOM   298 C C5     . DG  A 1 10 ? 3.810   -1.997  -9.715  1.00 0.00 ? 10 DG  A C5     1 
ATOM   299 C C6     . DG  A 1 10 ? 3.225   -0.871  -10.326 1.00 0.00 ? 10 DG  A C6     1 
ATOM   300 O O6     . DG  A 1 10 ? 3.745   0.138   -10.798 1.00 0.00 ? 10 DG  A O6     1 
ATOM   301 N N1     . DG  A 1 10 ? 1.850   -0.987  -10.402 1.00 0.00 ? 10 DG  A N1     1 
ATOM   302 C C2     . DG  A 1 10 ? 1.138   -2.060  -9.952  1.00 0.00 ? 10 DG  A C2     1 
ATOM   303 N N2     . DG  A 1 10 ? -0.185  -2.047  -10.115 1.00 0.00 ? 10 DG  A N2     1 
ATOM   304 N N3     . DG  A 1 10 ? 1.701   -3.103  -9.362  1.00 0.00 ? 10 DG  A N3     1 
ATOM   305 C C4     . DG  A 1 10 ? 3.025   -3.007  -9.278  1.00 0.00 ? 10 DG  A C4     1 
ATOM   306 H "H5'"  . DG  A 1 10 ? 4.289   -5.790  -4.379  1.00 0.00 ? 10 DG  A "H5'"  1 
ATOM   307 H "H5''" . DG  A 1 10 ? 4.583   -7.404  -4.714  1.00 0.00 ? 10 DG  A "H5''" 1 
ATOM   308 H "H4'"  . DG  A 1 10 ? 2.492   -6.653  -5.745  1.00 0.00 ? 10 DG  A "H4'"  1 
ATOM   309 H "H3'"  . DG  A 1 10 ? 4.433   -8.172  -7.119  1.00 0.00 ? 10 DG  A "H3'"  1 
ATOM   310 H "H2'"  . DG  A 1 10 ? 5.144   -6.271  -8.546  1.00 0.00 ? 10 DG  A "H2'"  1 
ATOM   311 H "H2''" . DG  A 1 10 ? 3.814   -6.878  -9.437  1.00 0.00 ? 10 DG  A "H2''" 1 
ATOM   312 H "H1'"  . DG  A 1 10 ? 2.314   -5.303  -8.407  1.00 0.00 ? 10 DG  A "H1'"  1 
ATOM   313 H H8     . DG  A 1 10 ? 5.982   -4.063  -8.599  1.00 0.00 ? 10 DG  A H8     1 
ATOM   314 H H1     . DG  A 1 10 ? 1.351   -0.218  -10.809 1.00 0.00 ? 10 DG  A H1     1 
ATOM   315 H H21    . DG  A 1 10 ? -0.661  -1.185  -10.373 1.00 0.00 ? 10 DG  A H21    1 
ATOM   316 H H22    . DG  A 1 10 ? -0.651  -2.941  -9.980  1.00 0.00 ? 10 DG  A H22    1 
ATOM   317 P P      . DC  A 1 11 ? 1.371   -8.124  -8.749  1.00 0.00 ? 11 DC  A P      1 
ATOM   318 O OP1    . DC  A 1 11 ? 0.478   -9.286  -8.651  1.00 0.00 ? 11 DC  A OP1    1 
ATOM   319 O OP2    . DC  A 1 11 ? 2.028   -7.873  -10.006 1.00 0.00 ? 11 DC  A OP2    1 
ATOM   320 O "O5'"  . DC  A 1 11 ? 0.505   -6.799  -8.373  1.00 0.00 ? 11 DC  A "O5'"  1 
ATOM   321 C "C5'"  . DC  A 1 11 ? -0.921  -6.692  -8.389  1.00 0.00 ? 11 DC  A "C5'"  1 
ATOM   322 C "C4'"  . DC  A 1 11 ? -1.626  -6.219  -9.680  1.00 0.00 ? 11 DC  A "C4'"  1 
ATOM   323 O "O4'"  . DC  A 1 11 ? -0.968  -5.075  -10.186 1.00 0.00 ? 11 DC  A "O4'"  1 
ATOM   324 C "C3'"  . DC  A 1 11 ? -1.761  -7.290  -10.802 1.00 0.00 ? 11 DC  A "C3'"  1 
ATOM   325 O "O3'"  . DC  A 1 11 ? -3.144  -7.615  -10.873 1.00 0.00 ? 11 DC  A "O3'"  1 
ATOM   326 C "C2'"  . DC  A 1 11 ? -1.216  -6.565  -12.044 1.00 0.00 ? 11 DC  A "C2'"  1 
ATOM   327 C "C1'"  . DC  A 1 11 ? -0.911  -5.111  -11.615 1.00 0.00 ? 11 DC  A "C1'"  1 
ATOM   328 N N1     . DC  A 1 11 ? 0.422   -4.635  -12.094 1.00 0.00 ? 11 DC  A N1     1 
ATOM   329 C C2     . DC  A 1 11 ? 0.483   -3.492  -12.903 1.00 0.00 ? 11 DC  A C2     1 
ATOM   330 O O2     . DC  A 1 11 ? -0.516  -2.858  -13.246 1.00 0.00 ? 11 DC  A O2     1 
ATOM   331 N N3     . DC  A 1 11 ? 1.695   -3.058  -13.319 1.00 0.00 ? 11 DC  A N3     1 
ATOM   332 C C4     . DC  A 1 11 ? 2.808   -3.730  -12.964 1.00 0.00 ? 11 DC  A C4     1 
ATOM   333 N N4     . DC  A 1 11 ? 3.978   -3.248  -13.430 1.00 0.00 ? 11 DC  A N4     1 
ATOM   334 C C5     . DC  A 1 11 ? 2.754   -4.892  -12.148 1.00 0.00 ? 11 DC  A C5     1 
ATOM   335 C C6     . DC  A 1 11 ? 1.547   -5.308  -11.741 1.00 0.00 ? 11 DC  A C6     1 
ATOM   336 H "H5'"  . DC  A 1 11 ? -1.194  -6.027  -7.623  1.00 0.00 ? 11 DC  A "H5'"  1 
ATOM   337 H "H5''" . DC  A 1 11 ? -1.317  -7.608  -8.081  1.00 0.00 ? 11 DC  A "H5''" 1 
ATOM   338 H "H4'"  . DC  A 1 11 ? -2.646  -5.956  -9.421  1.00 0.00 ? 11 DC  A "H4'"  1 
ATOM   339 H "H3'"  . DC  A 1 11 ? -1.226  -8.195  -10.542 1.00 0.00 ? 11 DC  A "H3'"  1 
ATOM   340 H "H2'"  . DC  A 1 11 ? -0.324  -7.028  -12.450 1.00 0.00 ? 11 DC  A "H2'"  1 
ATOM   341 H "H2''" . DC  A 1 11 ? -1.953  -6.527  -12.833 1.00 0.00 ? 11 DC  A "H2''" 1 
ATOM   342 H "H1'"  . DC  A 1 11 ? -1.633  -4.420  -12.024 1.00 0.00 ? 11 DC  A "H1'"  1 
ATOM   343 H H41    . DC  A 1 11 ? 4.053   -2.423  -13.931 1.00 0.00 ? 11 DC  A H41    1 
ATOM   344 H H42    . DC  A 1 11 ? 4.811   -3.722  -13.275 1.00 0.00 ? 11 DC  A H42    1 
ATOM   345 H H5     . DC  A 1 11 ? 3.650   -5.409  -11.831 1.00 0.00 ? 11 DC  A H5     1 
ATOM   346 H H6     . DC  A 1 11 ? 1.479   -6.196  -11.121 1.00 0.00 ? 11 DC  A H6     1 
ATOM   347 P P      . DG  A 1 12 ? -3.947  -8.562  -11.825 1.00 0.00 ? 12 DG  A P      1 
ATOM   348 O OP1    . DG  A 1 12 ? -4.288  -9.739  -11.126 1.00 0.00 ? 12 DG  A OP1    1 
ATOM   349 O OP2    . DG  A 1 12 ? -3.215  -8.672  -13.055 1.00 0.00 ? 12 DG  A OP2    1 
ATOM   350 O "O5'"  . DG  A 1 12 ? -5.301  -7.776  -12.116 1.00 0.00 ? 12 DG  A "O5'"  1 
ATOM   351 C "C5'"  . DG  A 1 12 ? -5.682  -6.611  -11.444 1.00 0.00 ? 12 DG  A "C5'"  1 
ATOM   352 C "C4'"  . DG  A 1 12 ? -6.456  -5.655  -12.361 1.00 0.00 ? 12 DG  A "C4'"  1 
ATOM   353 O "O4'"  . DG  A 1 12 ? -5.523  -4.700  -12.896 1.00 0.00 ? 12 DG  A "O4'"  1 
ATOM   354 C "C3'"  . DG  A 1 12 ? -7.219  -6.331  -13.505 1.00 0.00 ? 12 DG  A "C3'"  1 
ATOM   355 O "O3'"  . DG  A 1 12 ? -8.578  -5.949  -13.441 1.00 0.00 ? 12 DG  A "O3'"  1 
ATOM   356 C "C2'"  . DG  A 1 12 ? -6.555  -5.734  -14.739 1.00 0.00 ? 12 DG  A "C2'"  1 
ATOM   357 C "C1'"  . DG  A 1 12 ? -5.521  -4.685  -14.312 1.00 0.00 ? 12 DG  A "C1'"  1 
ATOM   358 N N9     . DG  A 1 12 ? -4.135  -5.001  -14.758 1.00 0.00 ? 12 DG  A N9     1 
ATOM   359 C C8     . DG  A 1 12 ? -3.511  -6.216  -14.766 1.00 0.00 ? 12 DG  A C8     1 
ATOM   360 N N7     . DG  A 1 12 ? -2.291  -6.157  -15.188 1.00 0.00 ? 12 DG  A N7     1 
ATOM   361 C C5     . DG  A 1 12 ? -2.077  -4.808  -15.484 1.00 0.00 ? 12 DG  A C5     1 
ATOM   362 C C6     . DG  A 1 12 ? -0.931  -4.155  -16.023 1.00 0.00 ? 12 DG  A C6     1 
ATOM   363 O O6     . DG  A 1 12 ? 0.179   -4.594  -16.315 1.00 0.00 ? 12 DG  A O6     1 
ATOM   364 N N1     . DG  A 1 12 ? -1.194  -2.822  -16.203 1.00 0.00 ? 12 DG  A N1     1 
ATOM   365 C C2     . DG  A 1 12 ? -2.385  -2.173  -15.928 1.00 0.00 ? 12 DG  A C2     1 
ATOM   366 N N2     . DG  A 1 12 ? -2.457  -0.869  -16.198 1.00 0.00 ? 12 DG  A N2     1 
ATOM   367 N N3     . DG  A 1 12 ? -3.446  -2.799  -15.417 1.00 0.00 ? 12 DG  A N3     1 
ATOM   368 C C4     . DG  A 1 12 ? -3.208  -4.113  -15.227 1.00 0.00 ? 12 DG  A C4     1 
ATOM   369 H "H5'"  . DG  A 1 12 ? -4.843  -6.164  -10.950 1.00 0.00 ? 12 DG  A "H5'"  1 
ATOM   370 H "H5''" . DG  A 1 12 ? -6.374  -6.935  -10.701 1.00 0.00 ? 12 DG  A "H5''" 1 
ATOM   371 H "H4'"  . DG  A 1 12 ? -7.183  -5.107  -11.790 1.00 0.00 ? 12 DG  A "H4'"  1 
ATOM   372 H "H3'"  . DG  A 1 12 ? -7.184  -7.398  -13.412 1.00 0.00 ? 12 DG  A "H3'"  1 
ATOM   373 H "HO3'" . DG  A 1 12 ? -8.814  -5.652  -13.570 1.00 0.00 ? 12 DG  A "HO3'" 1 
ATOM   374 H "H2'"  . DG  A 1 12 ? -6.095  -6.527  -15.301 1.00 0.00 ? 12 DG  A "H2'"  1 
ATOM   375 H "H2''" . DG  A 1 12 ? -7.275  -5.248  -15.369 1.00 0.00 ? 12 DG  A "H2''" 1 
ATOM   376 H "H1'"  . DG  A 1 12 ? -5.764  -3.665  -14.581 1.00 0.00 ? 12 DG  A "H1'"  1 
ATOM   377 H H8     . DG  A 1 12 ? -3.978  -7.146  -14.453 1.00 0.00 ? 12 DG  A H8     1 
ATOM   378 H H1     . DG  A 1 12 ? -0.429  -2.301  -16.576 1.00 0.00 ? 12 DG  A H1     1 
ATOM   379 H H21    . DG  A 1 12 ? -1.867  -0.455  -16.869 1.00 0.00 ? 12 DG  A H21    1 
ATOM   380 H H22    . DG  A 1 12 ? -3.128  -0.354  -15.719 1.00 0.00 ? 12 DG  A H22    1 
ATOM   381 O "O5'"  . DC  B 2 1  ? 3.059   -0.030  -22.760 1.00 0.00 ? 13 DC  B "O5'"  1 
ATOM   382 C "C5'"  . DC  B 2 1  ? 2.820   1.234   -22.989 1.00 0.00 ? 13 DC  B "C5'"  1 
ATOM   383 C "C4'"  . DC  B 2 1  ? 1.962   1.852   -21.900 1.00 0.00 ? 13 DC  B "C4'"  1 
ATOM   384 O "O4'"  . DC  B 2 1  ? 1.365   0.823   -21.103 1.00 0.00 ? 13 DC  B "O4'"  1 
ATOM   385 C "C3'"  . DC  B 2 1  ? 2.724   2.834   -20.995 1.00 0.00 ? 13 DC  B "C3'"  1 
ATOM   386 O "O3'"  . DC  B 2 1  ? 2.234   4.150   -21.200 1.00 0.00 ? 13 DC  B "O3'"  1 
ATOM   387 C "C2'"  . DC  B 2 1  ? 2.392   2.318   -19.603 1.00 0.00 ? 13 DC  B "C2'"  1 
ATOM   388 C "C1'"  . DC  B 2 1  ? 1.398   1.167   -19.729 1.00 0.00 ? 13 DC  B "C1'"  1 
ATOM   389 N N1     . DC  B 2 1  ? 1.762   0.012   -18.873 1.00 0.00 ? 13 DC  B N1     1 
ATOM   390 C C2     . DC  B 2 1  ? 0.761   -0.499  -18.072 1.00 0.00 ? 13 DC  B C2     1 
ATOM   391 O O2     . DC  B 2 1  ? -0.380  -0.051  -18.029 1.00 0.00 ? 13 DC  B O2     1 
ATOM   392 N N3     . DC  B 2 1  ? 1.099   -1.557  -17.334 1.00 0.00 ? 13 DC  B N3     1 
ATOM   393 C C4     . DC  B 2 1  ? 2.306   -2.112  -17.324 1.00 0.00 ? 13 DC  B C4     1 
ATOM   394 N N4     . DC  B 2 1  ? 2.512   -3.125  -16.515 1.00 0.00 ? 13 DC  B N4     1 
ATOM   395 C C5     . DC  B 2 1  ? 3.354   -1.598  -18.128 1.00 0.00 ? 13 DC  B C5     1 
ATOM   396 C C6     . DC  B 2 1  ? 3.028   -0.532  -18.880 1.00 0.00 ? 13 DC  B C6     1 
ATOM   397 H "H5'"  . DC  B 2 1  ? 2.376   1.322   -23.858 1.00 0.00 ? 13 DC  B "H5'"  1 
ATOM   398 H "H5''" . DC  B 2 1  ? 3.684   1.688   -23.105 1.00 0.00 ? 13 DC  B "H5''" 1 
ATOM   399 H "H4'"  . DC  B 2 1  ? 1.199   2.447   -22.364 1.00 0.00 ? 13 DC  B "H4'"  1 
ATOM   400 H "H3'"  . DC  B 2 1  ? 3.779   2.780   -21.200 1.00 0.00 ? 13 DC  B "H3'"  1 
ATOM   401 H "H2'"  . DC  B 2 1  ? 3.297   2.043   -19.078 1.00 0.00 ? 13 DC  B "H2'"  1 
ATOM   402 H "H2''" . DC  B 2 1  ? 1.868   3.097   -19.073 1.00 0.00 ? 13 DC  B "H2''" 1 
ATOM   403 H "H1'"  . DC  B 2 1  ? 0.403   1.458   -19.455 1.00 0.00 ? 13 DC  B "H1'"  1 
ATOM   404 H H41    . DC  B 2 1  ? 1.801   -3.769  -16.341 1.00 0.00 ? 13 DC  B H41    1 
ATOM   405 H H42    . DC  B 2 1  ? 3.379   -3.249  -16.067 1.00 0.00 ? 13 DC  B H42    1 
ATOM   406 H H5     . DC  B 2 1  ? 4.350   -2.017  -18.154 1.00 0.00 ? 13 DC  B H5     1 
ATOM   407 H H6     . DC  B 2 1  ? 3.805   -0.130  -19.516 1.00 0.00 ? 13 DC  B H6     1 
ATOM   408 H "HO5'" . DC  B 2 1  ? 2.415   -0.388  -22.216 1.00 0.00 ? 13 DC  B "HO5'" 1 
ATOM   409 P P      . DG  B 2 2  ? 3.022   5.471   -20.695 1.00 0.00 ? 14 DG  B P      1 
ATOM   410 O OP1    . DG  B 2 2  ? 2.937   6.501   -21.681 1.00 0.00 ? 14 DG  B OP1    1 
ATOM   411 O OP2    . DG  B 2 2  ? 4.293   5.122   -20.172 1.00 0.00 ? 14 DG  B OP2    1 
ATOM   412 O "O5'"  . DG  B 2 2  ? 2.171   5.926   -19.432 1.00 0.00 ? 14 DG  B "O5'"  1 
ATOM   413 C "C5'"  . DG  B 2 2  ? 0.762   5.926   -19.438 1.00 0.00 ? 14 DG  B "C5'"  1 
ATOM   414 C "C4'"  . DG  B 2 2  ? 0.141   5.420   -18.171 1.00 0.00 ? 14 DG  B "C4'"  1 
ATOM   415 O "O4'"  . DG  B 2 2  ? 0.709   4.122   -17.944 1.00 0.00 ? 14 DG  B "O4'"  1 
ATOM   416 C "C3'"  . DG  B 2 2  ? 0.360   6.311   -16.943 1.00 0.00 ? 14 DG  B "C3'"  1 
ATOM   417 O "O3'"  . DG  B 2 2  ? -0.868  6.802   -16.430 1.00 0.00 ? 14 DG  B "O3'"  1 
ATOM   418 C "C2'"  . DG  B 2 2  ? 1.207   5.413   -16.046 1.00 0.00 ? 14 DG  B "C2'"  1 
ATOM   419 C "C1'"  . DG  B 2 2  ? 0.924   3.998   -16.565 1.00 0.00 ? 14 DG  B "C1'"  1 
ATOM   420 N N9     . DG  B 2 2  ? 1.933   3.020   -16.209 1.00 0.00 ? 14 DG  B N9     1 
ATOM   421 C C8     . DG  B 2 2  ? 3.290   3.038   -16.397 1.00 0.00 ? 14 DG  B C8     1 
ATOM   422 N N7     . DG  B 2 2  ? 3.883   1.963   -15.959 1.00 0.00 ? 14 DG  B N7     1 
ATOM   423 C C5     . DG  B 2 2  ? 2.859   1.185   -15.462 1.00 0.00 ? 14 DG  B C5     1 
ATOM   424 C C6     . DG  B 2 2  ? 2.858   -0.038  -14.800 1.00 0.00 ? 14 DG  B C6     1 
ATOM   425 O O6     . DG  B 2 2  ? 3.792   -0.794  -14.581 1.00 0.00 ? 14 DG  B O6     1 
ATOM   426 N N1     . DG  B 2 2  ? 1.625   -0.429  -14.366 1.00 0.00 ? 14 DG  B N1     1 
ATOM   427 C C2     . DG  B 2 2  ? 0.480   0.310   -14.547 1.00 0.00 ? 14 DG  B C2     1 
ATOM   428 N N2     . DG  B 2 2  ? -0.638  -0.169  -14.088 1.00 0.00 ? 14 DG  B N2     1 
ATOM   429 N N3     . DG  B 2 2  ? 0.449   1.475   -15.177 1.00 0.00 ? 14 DG  B N3     1 
ATOM   430 C C4     . DG  B 2 2  ? 1.653   1.843   -15.604 1.00 0.00 ? 14 DG  B C4     1 
ATOM   431 H "H5'"  . DG  B 2 2  ? 0.405   5.323   -20.165 1.00 0.00 ? 14 DG  B "H5'"  1 
ATOM   432 H "H5''" . DG  B 2 2  ? 0.356   6.868   -19.563 1.00 0.00 ? 14 DG  B "H5''" 1 
ATOM   433 H "H4'"  . DG  B 2 2  ? -0.927  5.367   -18.264 1.00 0.00 ? 14 DG  B "H4'"  1 
ATOM   434 H "H3'"  . DG  B 2 2  ? 0.908   7.170   -17.276 1.00 0.00 ? 14 DG  B "H3'"  1 
ATOM   435 H "H2'"  . DG  B 2 2  ? 2.261   5.578   -16.095 1.00 0.00 ? 14 DG  B "H2'"  1 
ATOM   436 H "H2''" . DG  B 2 2  ? 0.896   5.507   -15.025 1.00 0.00 ? 14 DG  B "H2''" 1 
ATOM   437 H "H1'"  . DG  B 2 2  ? 0.004   3.712   -16.076 1.00 0.00 ? 14 DG  B "H1'"  1 
ATOM   438 H H8     . DG  B 2 2  ? 3.802   3.879   -16.848 1.00 0.00 ? 14 DG  B H8     1 
ATOM   439 H H1     . DG  B 2 2  ? 1.589   -1.308  -13.886 1.00 0.00 ? 14 DG  B H1     1 
ATOM   440 H H21    . DG  B 2 2  ? -0.707  -1.126  -13.777 1.00 0.00 ? 14 DG  B H21    1 
ATOM   441 H H22    . DG  B 2 2  ? -1.407  0.460   -14.059 1.00 0.00 ? 14 DG  B H22    1 
ATOM   442 P P      . DC  B 2 3  ? -1.790  6.200   -15.233 1.00 0.00 ? 15 DC  B P      1 
ATOM   443 O OP1    . DC  B 2 3  ? -3.110  6.856   -15.318 1.00 0.00 ? 15 DC  B OP1    1 
ATOM   444 O OP2    . DC  B 2 3  ? -1.028  6.249   -13.984 1.00 0.00 ? 15 DC  B OP2    1 
ATOM   445 O "O5'"  . DC  B 2 3  ? -1.980  4.622   -15.551 1.00 0.00 ? 15 DC  B "O5'"  1 
ATOM   446 C "C5'"  . DC  B 2 3  ? -3.198  3.915   -15.871 1.00 0.00 ? 15 DC  B "C5'"  1 
ATOM   447 C "C4'"  . DC  B 2 3  ? -3.725  3.066   -14.716 1.00 0.00 ? 15 DC  B "C4'"  1 
ATOM   448 O "O4'"  . DC  B 2 3  ? -2.730  2.120   -14.177 1.00 0.00 ? 15 DC  B "O4'"  1 
ATOM   449 C "C3'"  . DC  B 2 3  ? -4.318  3.903   -13.555 1.00 0.00 ? 15 DC  B "C3'"  1 
ATOM   450 O "O3'"  . DC  B 2 3  ? -5.721  3.689   -13.387 1.00 0.00 ? 15 DC  B "O3'"  1 
ATOM   451 C "C2'"  . DC  B 2 3  ? -3.485  3.486   -12.372 1.00 0.00 ? 15 DC  B "C2'"  1 
ATOM   452 C "C1'"  . DC  B 2 3  ? -2.637  2.280   -12.768 1.00 0.00 ? 15 DC  B "C1'"  1 
ATOM   453 N N1     . DC  B 2 3  ? -1.192  2.404   -12.369 1.00 0.00 ? 15 DC  B N1     1 
ATOM   454 C C2     . DC  B 2 3  ? -0.636  1.382   -11.633 1.00 0.00 ? 15 DC  B C2     1 
ATOM   455 O O2     . DC  B 2 3  ? -1.280  0.411   -11.287 1.00 0.00 ? 15 DC  B O2     1 
ATOM   456 N N3     . DC  B 2 3  ? 0.676   1.490   -11.294 1.00 0.00 ? 15 DC  B N3     1 
ATOM   457 C C4     . DC  B 2 3  ? 1.399   2.548   -11.654 1.00 0.00 ? 15 DC  B C4     1 
ATOM   458 N N4     . DC  B 2 3  ? 2.667   2.600   -11.296 1.00 0.00 ? 15 DC  B N4     1 
ATOM   459 C C5     . DC  B 2 3  ? 0.833   3.607   -12.420 1.00 0.00 ? 15 DC  B C5     1 
ATOM   460 C C6     . DC  B 2 3  ? -0.457  3.480   -12.737 1.00 0.00 ? 15 DC  B C6     1 
ATOM   461 H "H5'"  . DC  B 2 3  ? -2.974  3.214   -16.657 1.00 0.00 ? 15 DC  B "H5'"  1 
ATOM   462 H "H5''" . DC  B 2 3  ? -3.971  4.584   -16.211 1.00 0.00 ? 15 DC  B "H5''" 1 
ATOM   463 H "H4'"  . DC  B 2 3  ? -4.534  2.463   -15.083 1.00 0.00 ? 15 DC  B "H4'"  1 
ATOM   464 H "H3'"  . DC  B 2 3  ? -4.239  4.946   -13.829 1.00 0.00 ? 15 DC  B "H3'"  1 
ATOM   465 H "H2'"  . DC  B 2 3  ? -2.874  4.307   -12.026 1.00 0.00 ? 15 DC  B "H2'"  1 
ATOM   466 H "H2''" . DC  B 2 3  ? -4.155  3.195   -11.581 1.00 0.00 ? 15 DC  B "H2''" 1 
ATOM   467 H "H1'"  . DC  B 2 3  ? -2.991  1.373   -12.317 1.00 0.00 ? 15 DC  B "H1'"  1 
ATOM   468 H H41    . DC  B 2 3  ? 3.186   1.815   -10.965 1.00 0.00 ? 15 DC  B H41    1 
ATOM   469 H H42    . DC  B 2 3  ? 3.144   3.435   -11.372 1.00 0.00 ? 15 DC  B H42    1 
ATOM   470 H H5     . DC  B 2 3  ? 1.405   4.471   -12.736 1.00 0.00 ? 15 DC  B H5     1 
ATOM   471 H H6     . DC  B 2 3  ? -0.954  4.266   -13.294 1.00 0.00 ? 15 DC  B H6     1 
ATOM   472 P P      . DA  B 2 4  ? -6.675  4.467   -12.380 1.00 0.00 ? 16 DA  B P      1 
ATOM   473 O OP1    . DA  B 2 4  ? -7.867  4.851   -13.090 1.00 0.00 ? 16 DA  B OP1    1 
ATOM   474 O OP2    . DA  B 2 4  ? -5.898  5.414   -11.601 1.00 0.00 ? 16 DA  B OP2    1 
ATOM   475 O "O5'"  . DA  B 2 4  ? -7.061  3.345   -11.364 1.00 0.00 ? 16 DA  B "O5'"  1 
ATOM   476 C "C5'"  . DA  B 2 4  ? -7.015  1.975   -11.465 1.00 0.00 ? 16 DA  B "C5'"  1 
ATOM   477 C "C4'"  . DA  B 2 4  ? -6.490  1.299   -10.177 1.00 0.00 ? 16 DA  B "C4'"  1 
ATOM   478 O "O4'"  . DA  B 2 4  ? -5.078  1.408   -10.104 1.00 0.00 ? 16 DA  B "O4'"  1 
ATOM   479 C "C3'"  . DA  B 2 4  ? -7.078  1.885   -8.906  1.00 0.00 ? 16 DA  B "C3'"  1 
ATOM   480 O "O3'"  . DA  B 2 4  ? -7.673  0.845   -8.111  1.00 0.00 ? 16 DA  B "O3'"  1 
ATOM   481 C "C2'"  . DA  B 2 4  ? -5.873  2.565   -8.265  1.00 0.00 ? 16 DA  B "C2'"  1 
ATOM   482 C "C1'"  . DA  B 2 4  ? -4.694  1.857   -8.812  1.00 0.00 ? 16 DA  B "C1'"  1 
ATOM   483 N N9     . DA  B 2 4  ? -3.399  2.570   -8.753  1.00 0.00 ? 16 DA  B N9     1 
ATOM   484 C C8     . DA  B 2 4  ? -3.109  3.905   -8.923  1.00 0.00 ? 16 DA  B C8     1 
ATOM   485 N N7     . DA  B 2 4  ? -1.827  4.188   -8.802  1.00 0.00 ? 16 DA  B N7     1 
ATOM   486 C C5     . DA  B 2 4  ? -1.242  2.964   -8.535  1.00 0.00 ? 16 DA  B C5     1 
ATOM   487 C C6     . DA  B 2 4  ? 0.079   2.589   -8.210  1.00 0.00 ? 16 DA  B C6     1 
ATOM   488 N N6     . DA  B 2 4  ? 1.126   3.421   -8.193  1.00 0.00 ? 16 DA  B N6     1 
ATOM   489 N N1     . DA  B 2 4  ? 0.273   1.288   -7.906  1.00 0.00 ? 16 DA  B N1     1 
ATOM   490 C C2     . DA  B 2 4  ? -0.763  0.453   -7.923  1.00 0.00 ? 16 DA  B C2     1 
ATOM   491 N N3     . DA  B 2 4  ? -2.031  0.693   -8.216  1.00 0.00 ? 16 DA  B N3     1 
ATOM   492 C C4     . DA  B 2 4  ? -2.185  1.994   -8.520  1.00 0.00 ? 16 DA  B C4     1 
ATOM   493 H "H5'"  . DA  B 2 4  ? -6.459  1.754   -12.306 1.00 0.00 ? 16 DA  B "H5'"  1 
ATOM   494 H "H5''" . DA  B 2 4  ? -7.972  1.623   -11.585 1.00 0.00 ? 16 DA  B "H5''" 1 
ATOM   495 H "H4'"  . DA  B 2 4  ? -6.763  0.256   -10.223 1.00 0.00 ? 16 DA  B "H4'"  1 
ATOM   496 H "H3'"  . DA  B 2 4  ? -7.877  2.580   -9.098  1.00 0.00 ? 16 DA  B "H3'"  1 
ATOM   497 H "H2'"  . DA  B 2 4  ? -5.784  3.582   -8.588  1.00 0.00 ? 16 DA  B "H2'"  1 
ATOM   498 H "H2''" . DA  B 2 4  ? -5.921  2.516   -7.190  1.00 0.00 ? 16 DA  B "H2''" 1 
ATOM   499 H "H1'"  . DA  B 2 4  ? -4.554  0.962   -8.225  1.00 0.00 ? 16 DA  B "H1'"  1 
ATOM   500 H H8     . DA  B 2 4  ? -3.848  4.668   -9.134  1.00 0.00 ? 16 DA  B H8     1 
ATOM   501 H H61    . DA  B 2 4  ? 2.101   3.119   -8.225  1.00 0.00 ? 16 DA  B H61    1 
ATOM   502 H H62    . DA  B 2 4  ? 0.993   4.375   -8.150  1.00 0.00 ? 16 DA  B H62    1 
ATOM   503 H H2     . DA  B 2 4  ? -0.569  -0.586  -7.681  1.00 0.00 ? 16 DA  B H2     1 
ATOM   504 P P      . DT  B 2 5  ? -7.026  0.005   -6.910  1.00 0.00 ? 17 DT  B P      1 
ATOM   505 O OP1    . DT  B 2 5  ? -8.044  -0.927  -6.418  1.00 0.00 ? 17 DT  B OP1    1 
ATOM   506 O OP2    . DT  B 2 5  ? -6.414  0.919   -5.930  1.00 0.00 ? 17 DT  B OP2    1 
ATOM   507 O "O5'"  . DT  B 2 5  ? -5.877  -0.842  -7.559  1.00 0.00 ? 17 DT  B "O5'"  1 
ATOM   508 C "C5'"  . DT  B 2 5  ? -5.536  -2.188  -7.234  1.00 0.00 ? 17 DT  B "C5'"  1 
ATOM   509 C "C4'"  . DT  B 2 5  ? -4.522  -2.366  -6.090  1.00 0.00 ? 17 DT  B "C4'"  1 
ATOM   510 O "O4'"  . DT  B 2 5  ? -3.493  -1.388  -6.127  1.00 0.00 ? 17 DT  B "O4'"  1 
ATOM   511 C "C3'"  . DT  B 2 5  ? -5.212  -2.221  -4.739  1.00 0.00 ? 17 DT  B "C3'"  1 
ATOM   512 O "O3'"  . DT  B 2 5  ? -5.336  -3.470  -4.108  1.00 0.00 ? 17 DT  B "O3'"  1 
ATOM   513 C "C2'"  . DT  B 2 5  ? -4.270  -1.394  -3.919  1.00 0.00 ? 17 DT  B "C2'"  1 
ATOM   514 C "C1'"  . DT  B 2 5  ? -3.095  -1.044  -4.809  1.00 0.00 ? 17 DT  B "C1'"  1 
ATOM   515 N N1     . DT  B 2 5  ? -2.647  0.352   -4.811  1.00 0.00 ? 17 DT  B N1     1 
ATOM   516 C C2     . DT  B 2 5  ? -1.293  0.563   -4.677  1.00 0.00 ? 17 DT  B C2     1 
ATOM   517 O O2     . DT  B 2 5  ? -0.474  -0.310  -4.458  1.00 0.00 ? 17 DT  B O2     1 
ATOM   518 N N3     . DT  B 2 5  ? -0.868  1.863   -4.748  1.00 0.00 ? 17 DT  B N3     1 
ATOM   519 C C4     . DT  B 2 5  ? -1.666  2.967   -4.936  1.00 0.00 ? 17 DT  B C4     1 
ATOM   520 O O4     . DT  B 2 5  ? -1.119  4.061   -4.939  1.00 0.00 ? 17 DT  B O4     1 
ATOM   521 C C5     . DT  B 2 5  ? -3.057  2.669   -5.065  1.00 0.00 ? 17 DT  B C5     1 
ATOM   522 C C7     . DT  B 2 5  ? -4.090  3.807   -5.272  1.00 0.00 ? 17 DT  B C7     1 
ATOM   523 C C6     . DT  B 2 5  ? -3.510  1.393   -4.998  1.00 0.00 ? 17 DT  B C6     1 
ATOM   524 H "H5'"  . DT  B 2 5  ? -5.171  -2.645  -8.093  1.00 0.00 ? 17 DT  B "H5'"  1 
ATOM   525 H "H5''" . DT  B 2 5  ? -6.418  -2.729  -7.022  1.00 0.00 ? 17 DT  B "H5''" 1 
ATOM   526 H "H4'"  . DT  B 2 5  ? -4.087  -3.352  -6.194  1.00 0.00 ? 17 DT  B "H4'"  1 
ATOM   527 H "H3'"  . DT  B 2 5  ? -6.172  -1.749  -4.868  1.00 0.00 ? 17 DT  B "H3'"  1 
ATOM   528 H "H2'"  . DT  B 2 5  ? -4.676  -0.509  -3.506  1.00 0.00 ? 17 DT  B "H2'"  1 
ATOM   529 H "H2''" . DT  B 2 5  ? -3.967  -1.959  -3.063  1.00 0.00 ? 17 DT  B "H2''" 1 
ATOM   530 H "H1'"  . DT  B 2 5  ? -2.278  -1.692  -4.537  1.00 0.00 ? 17 DT  B "H1'"  1 
ATOM   531 H H3     . DT  B 2 5  ? 0.112   2.002   -4.633  1.00 0.00 ? 17 DT  B H3     1 
ATOM   532 H H71    . DT  B 2 5  ? -4.456  3.855   -5.537  1.00 0.00 ? 17 DT  B H71    1 
ATOM   533 H H72    . DT  B 2 5  ? -4.423  4.074   -5.043  1.00 0.00 ? 17 DT  B H72    1 
ATOM   534 H H73    . DT  B 2 5  ? -4.165  4.290   -5.407  1.00 0.00 ? 17 DT  B H73    1 
ATOM   535 H H6     . DT  B 2 5  ? -4.575  1.222   -5.121  1.00 0.00 ? 17 DT  B H6     1 
ATOM   536 P P      . DT  B 2 6  ? -6.501  -3.868  -3.059  1.00 0.00 ? 18 DT  B P      1 
ATOM   537 O OP1    . DT  B 2 6  ? -7.662  -4.228  -3.861  1.00 0.00 ? 18 DT  B OP1    1 
ATOM   538 O OP2    . DT  B 2 6  ? -6.596  -2.765  -2.080  1.00 0.00 ? 18 DT  B OP2    1 
ATOM   539 O "O5'"  . DT  B 2 6  ? -5.959  -5.205  -2.327  1.00 0.00 ? 18 DT  B "O5'"  1 
ATOM   540 C "C5'"  . DT  B 2 6  ? -5.538  -5.233  -0.952  1.00 0.00 ? 18 DT  B "C5'"  1 
ATOM   541 C "C4'"  . DT  B 2 6  ? -4.031  -5.051  -0.750  1.00 0.00 ? 18 DT  B "C4'"  1 
ATOM   542 O "O4'"  . DT  B 2 6  ? -3.527  -3.926  -1.488  1.00 0.00 ? 18 DT  B "O4'"  1 
ATOM   543 C "C3'"  . DT  B 2 6  ? -3.638  -4.857  0.707   1.00 0.00 ? 18 DT  B "C3'"  1 
ATOM   544 O "O3'"  . DT  B 2 6  ? -3.012  -5.965  1.372   1.00 0.00 ? 18 DT  B "O3'"  1 
ATOM   545 C "C2'"  . DT  B 2 6  ? -2.748  -3.628  0.720   1.00 0.00 ? 18 DT  B "C2'"  1 
ATOM   546 C "C1'"  . DT  B 2 6  ? -2.525  -3.238  -0.736  1.00 0.00 ? 18 DT  B "C1'"  1 
ATOM   547 N N1     . DT  B 2 6  ? -2.606  -1.752  -0.940  1.00 0.00 ? 18 DT  B N1     1 
ATOM   548 C C2     . DT  B 2 6  ? -1.461  -1.100  -1.354  1.00 0.00 ? 18 DT  B C2     1 
ATOM   549 O O2     . DT  B 2 6  ? -0.415  -1.664  -1.595  1.00 0.00 ? 18 DT  B O2     1 
ATOM   550 N N3     . DT  B 2 6  ? -1.547  0.241   -1.523  1.00 0.00 ? 18 DT  B N3     1 
ATOM   551 C C4     . DT  B 2 6  ? -2.669  1.024   -1.319  1.00 0.00 ? 18 DT  B C4     1 
ATOM   552 O O4     . DT  B 2 6  ? -2.663  2.226   -1.516  1.00 0.00 ? 18 DT  B O4     1 
ATOM   553 C C5     . DT  B 2 6  ? -3.826  0.257   -0.886  1.00 0.00 ? 18 DT  B C5     1 
ATOM   554 C C7     . DT  B 2 6  ? -5.166  0.918   -0.646  1.00 0.00 ? 18 DT  B C7     1 
ATOM   555 C C6     . DT  B 2 6  ? -3.740  -1.068  -0.711  1.00 0.00 ? 18 DT  B C6     1 
ATOM   556 H "H5'"  . DT  B 2 6  ? -5.831  -6.144  -0.592  1.00 0.00 ? 18 DT  B "H5'"  1 
ATOM   557 H "H5''" . DT  B 2 6  ? -6.035  -4.536  -0.391  1.00 0.00 ? 18 DT  B "H5''" 1 
ATOM   558 H "H4'"  . DT  B 2 6  ? -3.617  -5.960  -1.139  1.00 0.00 ? 18 DT  B "H4'"  1 
ATOM   559 H "H3'"  . DT  B 2 6  ? -4.535  -4.653  1.277   1.00 0.00 ? 18 DT  B "H3'"  1 
ATOM   560 H "H2'"  . DT  B 2 6  ? -3.122  -2.791  1.296   1.00 0.00 ? 18 DT  B "H2'"  1 
ATOM   561 H "H2''" . DT  B 2 6  ? -1.808  -3.919  1.149   1.00 0.00 ? 18 DT  B "H2''" 1 
ATOM   562 H "H1'"  . DT  B 2 6  ? -1.543  -3.576  -1.028  1.00 0.00 ? 18 DT  B "H1'"  1 
ATOM   563 H H3     . DT  B 2 6  ? -0.702  0.691   -1.807  1.00 0.00 ? 18 DT  B H3     1 
ATOM   564 H H71    . DT  B 2 6  ? -5.358  1.549   -0.682  1.00 0.00 ? 18 DT  B H71    1 
ATOM   565 H H72    . DT  B 2 6  ? -5.650  0.720   -0.950  1.00 0.00 ? 18 DT  B H72    1 
ATOM   566 H H73    . DT  B 2 6  ? -5.508  0.819   -0.069  1.00 0.00 ? 18 DT  B H73    1 
ATOM   567 H H6     . DT  B 2 6  ? -4.601  -1.633  -0.373  1.00 0.00 ? 18 DT  B H6     1 
HETATM 568 C C1     . ORP B 2 7  ? 0.007   -4.311  4.416   1.00 0.00 ? 19 ORP B C1     1 
HETATM 569 O O1     . ORP B 2 7  ? -0.498  -2.997  4.301   1.00 0.00 ? 19 ORP B O1     1 
HETATM 570 C C2     . ORP B 2 7  ? 1.547   -4.375  4.473   1.00 0.00 ? 19 ORP B C2     1 
HETATM 571 C C3     . ORP B 2 7  ? 1.973   -5.607  3.660   1.00 0.00 ? 19 ORP B C3     1 
HETATM 572 O O3     . ORP B 2 7  ? 3.128   -5.182  2.937   1.00 0.00 ? 19 ORP B O3     1 
HETATM 573 C C4     . ORP B 2 7  ? 0.754   -5.815  2.783   1.00 0.00 ? 19 ORP B C4     1 
HETATM 574 O O4     . ORP B 2 7  ? -0.320  -4.973  3.235   1.00 0.00 ? 19 ORP B O4     1 
HETATM 575 C C5     . ORP B 2 7  ? 0.288   -7.242  2.650   1.00 0.00 ? 19 ORP B C5     1 
HETATM 576 O O5     . ORP B 2 7  ? -1.113  -7.318  2.300   1.00 0.00 ? 19 ORP B O5     1 
HETATM 577 P P      . ORP B 2 7  ? -1.717  -6.823  0.886   1.00 0.00 ? 19 ORP B P      1 
HETATM 578 O O1P    . ORP B 2 7  ? -0.774  -5.880  0.225   1.00 0.00 ? 19 ORP B O1P    1 
HETATM 579 O O2P    . ORP B 2 7  ? -2.212  -8.014  0.170   1.00 0.00 ? 19 ORP B O2P    1 
HETATM 580 H H1     . ORP B 2 7  ? -0.502  -4.769  5.246   1.00 0.00 ? 19 ORP B H1     1 
HETATM 581 H HO1    . ORP B 2 7  ? -0.142  -2.622  3.825   1.00 0.00 ? 19 ORP B HO1    1 
HETATM 582 H H21    . ORP B 2 7  ? 1.894   -3.485  4.018   1.00 0.00 ? 19 ORP B H21    1 
HETATM 583 H H22    . ORP B 2 7  ? 1.879   -4.354  5.479   1.00 0.00 ? 19 ORP B H22    1 
HETATM 584 H H3     . ORP B 2 7  ? 2.165   -6.565  4.117   1.00 0.00 ? 19 ORP B H3     1 
HETATM 585 H H4     . ORP B 2 7  ? 1.051   -5.403  1.834   1.00 0.00 ? 19 ORP B H4     1 
HETATM 586 H H51    . ORP B 2 7  ? 0.861   -7.730  1.898   1.00 0.00 ? 19 ORP B H51    1 
HETATM 587 H H52    . ORP B 2 7  ? 0.430   -7.748  3.595   1.00 0.00 ? 19 ORP B H52    1 
ATOM   588 P P      . DT  B 2 8  ? 4.079   -6.113  2.063   1.00 0.00 ? 20 DT  B P      1 
ATOM   589 O OP1    . DT  B 2 8  ? 3.947   -5.713  0.652   1.00 0.00 ? 20 DT  B OP1    1 
ATOM   590 O OP2    . DT  B 2 8  ? 3.845   -7.515  2.476   1.00 0.00 ? 20 DT  B OP2    1 
ATOM   591 O "O5'"  . DT  B 2 8  ? 5.540   -5.714  2.502   1.00 0.00 ? 20 DT  B "O5'"  1 
ATOM   592 C "C5'"  . DT  B 2 8  ? 6.596   -5.199  1.651   1.00 0.00 ? 20 DT  B "C5'"  1 
ATOM   593 C "C4'"  . DT  B 2 8  ? 6.894   -3.700  1.921   1.00 0.00 ? 20 DT  B "C4'"  1 
ATOM   594 O "O4'"  . DT  B 2 8  ? 6.026   -2.864  1.162   1.00 0.00 ? 20 DT  B "O4'"  1 
ATOM   595 C "C3'"  . DT  B 2 8  ? 6.790   -3.296  3.397   1.00 0.00 ? 20 DT  B "C3'"  1 
ATOM   596 O "O3'"  . DT  B 2 8  ? 8.036   -2.821  3.872   1.00 0.00 ? 20 DT  B "O3'"  1 
ATOM   597 C "C2'"  . DT  B 2 8  ? 5.766   -2.182  3.396   1.00 0.00 ? 20 DT  B "C2'"  1 
ATOM   598 C "C1'"  . DT  B 2 8  ? 5.381   -1.858  1.979   1.00 0.00 ? 20 DT  B "C1'"  1 
ATOM   599 N N1     . DT  B 2 8  ? 3.919   -1.813  1.788   1.00 0.00 ? 20 DT  B N1     1 
ATOM   600 C C2     . DT  B 2 8  ? 3.160   -0.962  2.559   1.00 0.00 ? 20 DT  B C2     1 
ATOM   601 O O2     . DT  B 2 8  ? 3.628   -0.203  3.392   1.00 0.00 ? 20 DT  B O2     1 
ATOM   602 N N3     . DT  B 2 8  ? 1.804   -0.983  2.341   1.00 0.00 ? 20 DT  B N3     1 
ATOM   603 C C4     . DT  B 2 8  ? 1.137   -1.770  1.425   1.00 0.00 ? 20 DT  B C4     1 
ATOM   604 O O4     . DT  B 2 8  ? -0.082  -1.707  1.303   1.00 0.00 ? 20 DT  B O4     1 
ATOM   605 C C5     . DT  B 2 8  ? 2.011   -2.636  0.662   1.00 0.00 ? 20 DT  B C5     1 
ATOM   606 C C7     . DT  B 2 8  ? 1.431   -3.599  -0.394  1.00 0.00 ? 20 DT  B C7     1 
ATOM   607 C C6     . DT  B 2 8  ? 3.325   -2.619  0.874   1.00 0.00 ? 20 DT  B C6     1 
ATOM   608 H "H5'"  . DT  B 2 8  ? 6.325   -5.302  0.619   1.00 0.00 ? 20 DT  B "H5'"  1 
ATOM   609 H "H5''" . DT  B 2 8  ? 7.480   -5.761  1.839   1.00 0.00 ? 20 DT  B "H5''" 1 
ATOM   610 H "H4'"  . DT  B 2 8  ? 7.915   -3.476  1.654   1.00 0.00 ? 20 DT  B "H4'"  1 
ATOM   611 H "H3'"  . DT  B 2 8  ? 6.531   -4.152  3.957   1.00 0.00 ? 20 DT  B "H3'"  1 
ATOM   612 H "H2'"  . DT  B 2 8  ? 4.881   -2.470  3.900   1.00 0.00 ? 20 DT  B "H2'"  1 
ATOM   613 H "H2''" . DT  B 2 8  ? 6.080   -1.302  3.908   1.00 0.00 ? 20 DT  B "H2''" 1 
ATOM   614 H "H1'"  . DT  B 2 8  ? 5.811   -0.918  1.641   1.00 0.00 ? 20 DT  B "H1'"  1 
ATOM   615 H H3     . DT  B 2 8  ? 1.263   -0.377  2.908   1.00 0.00 ? 20 DT  B H3     1 
ATOM   616 H H71    . DT  B 2 8  ? 1.463   -4.045  -0.595  1.00 0.00 ? 20 DT  B H71    1 
ATOM   617 H H72    . DT  B 2 8  ? 1.019   -3.765  -0.609  1.00 0.00 ? 20 DT  B H72    1 
ATOM   618 H H73    . DT  B 2 8  ? 1.497   -3.616  -0.826  1.00 0.00 ? 20 DT  B H73    1 
ATOM   619 H H6     . DT  B 2 8  ? 3.959   -3.272  0.290   1.00 0.00 ? 20 DT  B H6     1 
ATOM   620 P P      . DT  B 2 9  ? 8.346   -2.689  5.442   1.00 0.00 ? 21 DT  B P      1 
ATOM   621 O OP1    . DT  B 2 9  ? 9.674   -3.038  5.640   1.00 0.00 ? 21 DT  B OP1    1 
ATOM   622 O OP2    . DT  B 2 9  ? 7.386   -3.366  6.199   1.00 0.00 ? 21 DT  B OP2    1 
ATOM   623 O "O5'"  . DT  B 2 9  ? 8.225   -1.219  5.684   1.00 0.00 ? 21 DT  B "O5'"  1 
ATOM   624 C "C5'"  . DT  B 2 9  ? 8.522   -0.146  5.024   1.00 0.00 ? 21 DT  B "C5'"  1 
ATOM   625 C "C4'"  . DT  B 2 9  ? 7.602   1.057   5.259   1.00 0.00 ? 21 DT  B "C4'"  1 
ATOM   626 O "O4'"  . DT  B 2 9  ? 6.244   0.691   5.098   1.00 0.00 ? 21 DT  B "O4'"  1 
ATOM   627 C "C3'"  . DT  B 2 9  ? 7.775   1.680   6.648   1.00 0.00 ? 21 DT  B "C3'"  1 
ATOM   628 O "O3'"  . DT  B 2 9  ? 7.826   3.099   6.503   1.00 0.00 ? 21 DT  B "O3'"  1 
ATOM   629 C "C2'"  . DT  B 2 9  ? 6.492   1.305   7.353   1.00 0.00 ? 21 DT  B "C2'"  1 
ATOM   630 C "C1'"  . DT  B 2 9  ? 5.468   1.114   6.243   1.00 0.00 ? 21 DT  B "C1'"  1 
ATOM   631 N N1     . DT  B 2 9  ? 4.467   0.116   6.611   1.00 0.00 ? 21 DT  B N1     1 
ATOM   632 C C2     . DT  B 2 9  ? 3.185   0.579   6.755   1.00 0.00 ? 21 DT  B C2     1 
ATOM   633 O O2     . DT  B 2 9  ? 2.832   1.739   6.637   1.00 0.00 ? 21 DT  B O2     1 
ATOM   634 N N3     . DT  B 2 9  ? 2.240   -0.367  7.093   1.00 0.00 ? 21 DT  B N3     1 
ATOM   635 C C4     . DT  B 2 9  ? 2.457   -1.714  7.296   1.00 0.00 ? 21 DT  B C4     1 
ATOM   636 O O4     . DT  B 2 9  ? 1.522   -2.455  7.613   1.00 0.00 ? 21 DT  B O4     1 
ATOM   637 C C5     . DT  B 2 9  ? 3.831   -2.126  7.127   1.00 0.00 ? 21 DT  B C5     1 
ATOM   638 C C7     . DT  B 2 9  ? 4.221   -3.601  7.358   1.00 0.00 ? 21 DT  B C7     1 
ATOM   639 C C6     . DT  B 2 9  ? 4.774   -1.236  6.798   1.00 0.00 ? 21 DT  B C6     1 
ATOM   640 H "H5'"  . DT  B 2 9  ? 8.540   -0.378  4.037   1.00 0.00 ? 21 DT  B "H5'"  1 
ATOM   641 H "H5''" . DT  B 2 9  ? 9.435   0.132   5.309   1.00 0.00 ? 21 DT  B "H5''" 1 
ATOM   642 H "H4'"  . DT  B 2 9  ? 7.874   1.822   4.558   1.00 0.00 ? 21 DT  B "H4'"  1 
ATOM   643 H "H3'"  . DT  B 2 9  ? 8.663   1.284   7.110   1.00 0.00 ? 21 DT  B "H3'"  1 
ATOM   644 H "H2'"  . DT  B 2 9  ? 6.533   0.390   7.912   1.00 0.00 ? 21 DT  B "H2'"  1 
ATOM   645 H "H2''" . DT  B 2 9  ? 6.189   2.104   8.014   1.00 0.00 ? 21 DT  B "H2''" 1 
ATOM   646 H "H1'"  . DT  B 2 9  ? 4.989   2.063   6.031   1.00 0.00 ? 21 DT  B "H1'"  1 
ATOM   647 H H3     . DT  B 2 9  ? 1.318   0.000   7.189   1.00 0.00 ? 21 DT  B H3     1 
ATOM   648 H H71    . DT  B 2 9  ? 4.526   -3.798  7.595   1.00 0.00 ? 21 DT  B H71    1 
ATOM   649 H H72    . DT  B 2 9  ? 3.996   -4.008  7.545   1.00 0.00 ? 21 DT  B H72    1 
ATOM   650 H H73    . DT  B 2 9  ? 4.368   -3.990  7.109   1.00 0.00 ? 21 DT  B H73    1 
ATOM   651 H H6     . DT  B 2 9  ? 5.809   -1.536  6.671   1.00 0.00 ? 21 DT  B H6     1 
ATOM   652 P P      . DG  B 2 10 ? 8.380   4.181   7.581   1.00 0.00 ? 22 DG  B P      1 
ATOM   653 O OP1    . DG  B 2 10 ? 8.355   5.406   6.973   1.00 0.00 ? 22 DG  B OP1    1 
ATOM   654 O OP2    . DG  B 2 10 ? 9.553   3.729   8.080   1.00 0.00 ? 22 DG  B OP2    1 
ATOM   655 O "O5'"  . DG  B 2 10 ? 7.428   4.174   8.729   1.00 0.00 ? 22 DG  B "O5'"  1 
ATOM   656 C "C5'"  . DG  B 2 10 ? 7.144   5.007   9.733   1.00 0.00 ? 22 DG  B "C5'"  1 
ATOM   657 C "C4'"  . DG  B 2 10 ? 5.755   5.030   10.188  1.00 0.00 ? 22 DG  B "C4'"  1 
ATOM   658 O "O4'"  . DG  B 2 10 ? 4.983   3.906   9.740   1.00 0.00 ? 22 DG  B "O4'"  1 
ATOM   659 C "C3'"  . DG  B 2 10 ? 5.605   5.107   11.708  1.00 0.00 ? 22 DG  B "C3'"  1 
ATOM   660 O "O3'"  . DG  B 2 10 ? 4.624   6.122   12.038  1.00 0.00 ? 22 DG  B "O3'"  1 
ATOM   661 C "C2'"  . DG  B 2 10 ? 5.082   3.730   12.060  1.00 0.00 ? 22 DG  B "C2'"  1 
ATOM   662 C "C1'"  . DG  B 2 10 ? 4.287   3.347   10.855  1.00 0.00 ? 22 DG  B "C1'"  1 
ATOM   663 N N9     . DG  B 2 10 ? 4.060   1.919   10.717  1.00 0.00 ? 22 DG  B N9     1 
ATOM   664 C C8     . DG  B 2 10 ? 4.935   0.861   10.610  1.00 0.00 ? 22 DG  B C8     1 
ATOM   665 N N7     . DG  B 2 10 ? 4.336   -0.293  10.491  1.00 0.00 ? 22 DG  B N7     1 
ATOM   666 C C5     . DG  B 2 10 ? 2.987   0.030   10.525  1.00 0.00 ? 22 DG  B C5     1 
ATOM   667 C C6     . DG  B 2 10 ? 1.853   -0.808  10.461  1.00 0.00 ? 22 DG  B C6     1 
ATOM   668 O O6     . DG  B 2 10 ? 1.792   -2.014  10.343  1.00 0.00 ? 22 DG  B O6     1 
ATOM   669 N N1     . DG  B 2 10 ? 0.681   -0.067  10.554  1.00 0.00 ? 22 DG  B N1     1 
ATOM   670 C C2     . DG  B 2 10 ? 0.592   1.281   10.702  1.00 0.00 ? 22 DG  B C2     1 
ATOM   671 N N2     . DG  B 2 10 ? -0.598  1.808   10.806  1.00 0.00 ? 22 DG  B N2     1 
ATOM   672 N N3     . DG  B 2 10 ? 1.656   2.090   10.759  1.00 0.00 ? 22 DG  B N3     1 
ATOM   673 C C4     . DG  B 2 10 ? 2.819   1.372   10.663  1.00 0.00 ? 22 DG  B C4     1 
ATOM   674 H "H5'"  . DG  B 2 10 ? 7.429   5.902   9.485   1.00 0.00 ? 22 DG  B "H5'"  1 
ATOM   675 H "H5''" . DG  B 2 10 ? 7.710   4.747   10.527  1.00 0.00 ? 22 DG  B "H5''" 1 
ATOM   676 H "H4'"  . DG  B 2 10 ? 5.346   5.944   9.830   1.00 0.00 ? 22 DG  B "H4'"  1 
ATOM   677 H "H3'"  . DG  B 2 10 ? 6.537   5.321   12.170  1.00 0.00 ? 22 DG  B "H3'"  1 
ATOM   678 H "H2'"  . DG  B 2 10 ? 5.888   3.007   12.071  1.00 0.00 ? 22 DG  B "H2'"  1 
ATOM   679 H "H2''" . DG  B 2 10 ? 4.497   3.719   12.970  1.00 0.00 ? 22 DG  B "H2''" 1 
ATOM   680 H "H1'"  . DG  B 2 10 ? 3.334   3.853   10.889  1.00 0.00 ? 22 DG  B "H1'"  1 
ATOM   681 H H8     . DG  B 2 10 ? 6.008   1.005   10.661  1.00 0.00 ? 22 DG  B H8     1 
ATOM   682 H H1     . DG  B 2 10 ? -0.135  -0.632  10.462  1.00 0.00 ? 22 DG  B H1     1 
ATOM   683 H H21    . DG  B 2 10 ? -1.409  1.289   10.613  1.00 0.00 ? 22 DG  B H21    1 
ATOM   684 H H22    . DG  B 2 10 ? -0.645  2.751   11.081  1.00 0.00 ? 22 DG  B H22    1 
ATOM   685 P P      . DC  B 2 11 ? 3.608   6.277   13.216  1.00 0.00 ? 23 DC  B P      1 
ATOM   686 O OP1    . DC  B 2 11 ? 3.366   7.705   13.462  1.00 0.00 ? 23 DC  B OP1    1 
ATOM   687 O OP2    . DC  B 2 11 ? 4.031   5.422   14.306  1.00 0.00 ? 23 DC  B OP2    1 
ATOM   688 O "O5'"  . DC  B 2 11 ? 2.302   5.643   12.658  1.00 0.00 ? 23 DC  B "O5'"  1 
ATOM   689 C "C5'"  . DC  B 2 11 ? 1.243   6.399   12.027  1.00 0.00 ? 23 DC  B "C5'"  1 
ATOM   690 C "C4'"  . DC  B 2 11 ? -0.170  5.975   12.355  1.00 0.00 ? 23 DC  B "C4'"  1 
ATOM   691 O "O4'"  . DC  B 2 11 ? -0.316  4.553   12.220  1.00 0.00 ? 23 DC  B "O4'"  1 
ATOM   692 C "C3'"  . DC  B 2 11 ? -0.591  6.332   13.792  1.00 0.00 ? 23 DC  B "C3'"  1 
ATOM   693 O "O3'"  . DC  B 2 11 ? -1.695  7.234   13.915  1.00 0.00 ? 23 DC  B "O3'"  1 
ATOM   694 C "C2'"  . DC  B 2 11 ? -0.834  5.021   14.501  1.00 0.00 ? 23 DC  B "C2'"  1 
ATOM   695 C "C1'"  . DC  B 2 11 ? -0.769  3.942   13.440  1.00 0.00 ? 23 DC  B "C1'"  1 
ATOM   696 N N1     . DC  B 2 11 ? 0.103   2.766   13.739  1.00 0.00 ? 23 DC  B N1     1 
ATOM   697 C C2     . DC  B 2 11 ? -0.519  1.577   14.019  1.00 0.00 ? 23 DC  B C2     1 
ATOM   698 O O2     . DC  B 2 11 ? -1.749  1.436   14.050  1.00 0.00 ? 23 DC  B O2     1 
ATOM   699 N N3     . DC  B 2 11 ? 0.278   0.514   14.273  1.00 0.00 ? 23 DC  B N3     1 
ATOM   700 C C4     . DC  B 2 11 ? 1.611   0.581   14.255  1.00 0.00 ? 23 DC  B C4     1 
ATOM   701 N N4     . DC  B 2 11 ? 2.303   -0.519  14.508  1.00 0.00 ? 23 DC  B N4     1 
ATOM   702 C C5     . DC  B 2 11 ? 2.280   1.812   13.955  1.00 0.00 ? 23 DC  B C5     1 
ATOM   703 C C6     . DC  B 2 11 ? 1.472   2.897   13.701  1.00 0.00 ? 23 DC  B C6     1 
ATOM   704 H "H5'"  . DC  B 2 11 ? 1.394   6.288   10.987  1.00 0.00 ? 23 DC  B "H5'"  1 
ATOM   705 H "H5''" . DC  B 2 11 ? 1.322   7.441   12.260  1.00 0.00 ? 23 DC  B "H5''" 1 
ATOM   706 H "H4'"  . DC  B 2 11 ? -0.856  6.422   11.664  1.00 0.00 ? 23 DC  B "H4'"  1 
ATOM   707 H "H3'"  . DC  B 2 11 ? 0.234   6.854   14.244  1.00 0.00 ? 23 DC  B "H3'"  1 
ATOM   708 H "H2'"  . DC  B 2 11 ? -0.123  4.881   15.311  1.00 0.00 ? 23 DC  B "H2'"  1 
ATOM   709 H "H2''" . DC  B 2 11 ? -1.816  5.026   14.955  1.00 0.00 ? 23 DC  B "H2''" 1 
ATOM   710 H "H1'"  . DC  B 2 11 ? -1.781  3.655   13.181  1.00 0.00 ? 23 DC  B "H1'"  1 
ATOM   711 H H41    . DC  B 2 11 ? 1.891   -1.397  14.366  1.00 0.00 ? 23 DC  B H41    1 
ATOM   712 H H42    . DC  B 2 11 ? 3.220   -0.448  14.841  1.00 0.00 ? 23 DC  B H42    1 
ATOM   713 H H5     . DC  B 2 11 ? 3.363   1.727   13.965  1.00 0.00 ? 23 DC  B H5     1 
ATOM   714 H H6     . DC  B 2 11 ? 1.756   3.906   13.412  1.00 0.00 ? 23 DC  B H6     1 
ATOM   715 P P      . DG  B 2 12 ? -3.129  7.113   13.148  1.00 0.00 ? 24 DG  B P      1 
ATOM   716 O OP1    . DG  B 2 12 ? -2.959  7.402   11.729  1.00 0.00 ? 24 DG  B OP1    1 
ATOM   717 O OP2    . DG  B 2 12 ? -4.139  7.868   13.915  1.00 0.00 ? 24 DG  B OP2    1 
ATOM   718 O "O5'"  . DG  B 2 12 ? -3.412  5.524   13.293  1.00 0.00 ? 24 DG  B "O5'"  1 
ATOM   719 C "C5'"  . DG  B 2 12 ? -4.661  4.938   13.568  1.00 0.00 ? 24 DG  B "C5'"  1 
ATOM   720 C "C4'"  . DG  B 2 12 ? -4.923  4.684   15.067  1.00 0.00 ? 24 DG  B "C4'"  1 
ATOM   721 O "O4'"  . DG  B 2 12 ? -4.433  3.411   15.464  1.00 0.00 ? 24 DG  B "O4'"  1 
ATOM   722 C "C3'"  . DG  B 2 12 ? -4.350  5.670   16.044  1.00 0.00 ? 24 DG  B "C3'"  1 
ATOM   723 O "O3'"  . DG  B 2 12 ? -5.147  6.832   16.234  1.00 0.00 ? 24 DG  B "O3'"  1 
ATOM   724 C "C2'"  . DG  B 2 12 ? -4.188  4.879   17.247  1.00 0.00 ? 24 DG  B "C2'"  1 
ATOM   725 C "C1'"  . DG  B 2 12 ? -4.177  3.420   16.834  1.00 0.00 ? 24 DG  B "C1'"  1 
ATOM   726 N N9     . DG  B 2 12 ? -2.901  2.686   17.091  1.00 0.00 ? 24 DG  B N9     1 
ATOM   727 C C8     . DG  B 2 12 ? -1.670  3.135   17.497  1.00 0.00 ? 24 DG  B C8     1 
ATOM   728 N N7     . DG  B 2 12 ? -0.777  2.210   17.608  1.00 0.00 ? 24 DG  B N7     1 
ATOM   729 C C5     . DG  B 2 12 ? -1.438  1.041   17.246  1.00 0.00 ? 24 DG  B C5     1 
ATOM   730 C C6     . DG  B 2 12 ? -0.997  -0.297  17.204  1.00 0.00 ? 24 DG  B C6     1 
ATOM   731 O O6     . DG  B 2 12 ? 0.103   -0.763  17.462  1.00 0.00 ? 24 DG  B O6     1 
ATOM   732 N N1     . DG  B 2 12 ? -1.975  -1.142  16.832  1.00 0.00 ? 24 DG  B N1     1 
ATOM   733 C C2     . DG  B 2 12 ? -3.254  -0.763  16.521  1.00 0.00 ? 24 DG  B C2     1 
ATOM   734 N N2     . DG  B 2 12 ? -4.103  -1.691  16.198  1.00 0.00 ? 24 DG  B N2     1 
ATOM   735 N N3     . DG  B 2 12 ? -3.709  0.481   16.551  1.00 0.00 ? 24 DG  B N3     1 
ATOM   736 C C4     . DG  B 2 12 ? -2.753  1.328   16.924  1.00 0.00 ? 24 DG  B C4     1 
ATOM   737 H "H5'"  . DG  B 2 12 ? -4.674  4.013   13.038  1.00 0.00 ? 24 DG  B "H5'"  1 
ATOM   738 H "H5''" . DG  B 2 12 ? -5.438  5.566   13.188  1.00 0.00 ? 24 DG  B "H5''" 1 
ATOM   739 H "H4'"  . DG  B 2 12 ? -5.988  4.626   15.219  1.00 0.00 ? 24 DG  B "H4'"  1 
ATOM   740 H "H3'"  . DG  B 2 12 ? -3.416  5.980   15.665  1.00 0.00 ? 24 DG  B "H3'"  1 
ATOM   741 H "HO3'" . DG  B 2 12 ? -4.884  7.381   15.551  1.00 0.00 ? 24 DG  B "HO3'" 1 
ATOM   742 H "H2'"  . DG  B 2 12 ? -3.366  5.164   17.777  1.00 0.00 ? 24 DG  B "H2'"  1 
ATOM   743 H "H2''" . DG  B 2 12 ? -5.019  5.096   17.807  1.00 0.00 ? 24 DG  B "H2''" 1 
ATOM   744 H "H1'"  . DG  B 2 12 ? -4.907  2.828   17.341  1.00 0.00 ? 24 DG  B "H1'"  1 
ATOM   745 H H8     . DG  B 2 12 ? -1.360  4.144   17.740  1.00 0.00 ? 24 DG  B H8     1 
ATOM   746 H H1     . DG  B 2 12 ? -1.686  -2.106  16.797  1.00 0.00 ? 24 DG  B H1     1 
ATOM   747 H H21    . DG  B 2 12 ? -3.918  -2.660  16.350  1.00 0.00 ? 24 DG  B H21    1 
ATOM   748 H H22    . DG  B 2 12 ? -4.939  -1.449  15.788  1.00 0.00 ? 24 DG  B H22    1 
# 
